data_5JYM
#
_entry.id   5JYM
#
_cell.length_a   58.700
_cell.length_b   83.430
_cell.length_c   199.820
_cell.angle_alpha   90.00
_cell.angle_beta   90.00
_cell.angle_gamma   90.00
#
_symmetry.space_group_name_H-M   'P 2 21 21'
#
loop_
_entity.id
_entity.type
_entity.pdbx_description
1 polymer Cadherin-3
2 polymer 'Antibody scFv TSP11'
3 non-polymer 'CALCIUM ION'
4 water water
#
loop_
_entity_poly.entity_id
_entity_poly.type
_entity_poly.pdbx_seq_one_letter_code
_entity_poly.pdbx_strand_id
1 'polypeptide(L)'
;DWVVAPISVPENGKGPFPQRLNQLKSNKDRDTKIFYSITGPGADSPPEGVFAVEKETGWLLLNKPLDREEIAKYELFGHA
VSENGASVEDPMNISIIVTDQNDHKPKFTQDTFRGSVLEGVLPGTSVMQVTATDEDDAIYTYNGVVAYSIHSQEPKDPHD
LMFTIHRSTGTISVISSGLDREKVPEYTLTIQATDMDGDGSTTTAVAVVEILD
;
A,C
2 'polypeptide(L)'
;QVQLQQPGTELVKPGASVKLSCKASGYTFTRYWINWVKQRPQGGLEWIGNIYPGSNITNYNEKFKNKATLTVDTSSNTAY
MQLSSLTSDDSAVYYCAREGIYDGYFPLFPYWGQGTLVTVSASAGGGGSGGGGSGGGGSDIENVLTQSPAIMAASPGEKV
TMTCSASSSVSSGNFHWYQQKPGTSPKLWIYRTSNLASGVPARFSGSGSGTSYSLTISSMEAEDAATYYCQQWSGYPWTF
GGGTKLEIKSAHHHHHH
;
B,D
#
# COMPACT_ATOMS: atom_id res chain seq x y z
N ASP A 1 6.66 -9.10 27.00
CA ASP A 1 6.85 -9.86 25.75
C ASP A 1 6.53 -8.95 24.57
N TRP A 2 7.27 -9.10 23.47
CA TRP A 2 6.93 -8.37 22.25
C TRP A 2 5.67 -8.98 21.68
N VAL A 3 4.71 -8.17 21.28
CA VAL A 3 3.49 -8.74 20.68
C VAL A 3 3.17 -8.08 19.35
N VAL A 4 2.21 -8.64 18.65
CA VAL A 4 1.83 -8.12 17.35
C VAL A 4 0.90 -6.97 17.67
N ALA A 5 1.16 -5.83 17.05
CA ALA A 5 0.50 -4.62 17.42
C ALA A 5 -0.91 -4.69 16.88
N PRO A 6 -1.86 -3.95 17.49
CA PRO A 6 -3.18 -3.84 16.89
C PRO A 6 -3.02 -3.37 15.46
N ILE A 7 -3.83 -3.93 14.58
CA ILE A 7 -3.83 -3.58 13.19
C ILE A 7 -5.01 -2.66 12.86
N SER A 8 -4.73 -1.46 12.38
CA SER A 8 -5.77 -0.50 12.04
C SER A 8 -6.09 -0.53 10.59
N VAL A 9 -7.33 -0.82 10.27
CA VAL A 9 -7.80 -0.88 8.90
C VAL A 9 -8.97 0.09 8.64
N PRO A 10 -8.78 1.06 7.73
CA PRO A 10 -9.93 1.90 7.39
C PRO A 10 -11.04 1.09 6.75
N GLU A 11 -12.28 1.33 7.16
CA GLU A 11 -13.44 0.71 6.54
C GLU A 11 -13.49 1.09 5.07
N ASN A 12 -14.23 0.31 4.30
CA ASN A 12 -14.40 0.52 2.85
C ASN A 12 -13.13 0.47 1.98
N GLY A 13 -12.15 -0.35 2.37
CA GLY A 13 -10.96 -0.51 1.57
C GLY A 13 -11.29 -0.94 0.16
N LYS A 14 -10.41 -0.62 -0.79
CA LYS A 14 -10.59 -1.02 -2.19
C LYS A 14 -9.71 -2.17 -2.59
N GLY A 15 -8.91 -2.65 -1.66
CA GLY A 15 -8.00 -3.74 -1.96
C GLY A 15 -6.77 -3.24 -2.70
N PRO A 16 -6.18 -4.09 -3.53
CA PRO A 16 -6.74 -5.39 -3.90
C PRO A 16 -6.93 -6.34 -2.74
N PHE A 17 -7.87 -7.26 -2.88
CA PHE A 17 -8.10 -8.27 -1.89
C PHE A 17 -7.75 -9.57 -2.53
N PRO A 18 -7.22 -10.53 -1.77
CA PRO A 18 -6.96 -10.39 -0.33
C PRO A 18 -5.78 -9.47 -0.03
N GLN A 19 -5.86 -8.79 1.09
CA GLN A 19 -4.93 -7.75 1.45
C GLN A 19 -4.10 -8.23 2.60
N ARG A 20 -2.79 -8.12 2.44
CA ARG A 20 -1.90 -8.49 3.49
C ARG A 20 -1.94 -7.47 4.62
N LEU A 21 -2.16 -7.92 5.85
CA LEU A 21 -2.21 -7.02 6.95
C LEU A 21 -0.92 -7.08 7.67
N ASN A 22 -0.49 -8.28 7.97
CA ASN A 22 0.65 -8.47 8.78
C ASN A 22 1.14 -9.90 8.75
N GLN A 23 2.43 -10.12 8.96
CA GLN A 23 3.02 -11.46 8.88
C GLN A 23 3.44 -12.02 10.23
N LEU A 24 2.84 -13.13 10.63
CA LEU A 24 3.22 -13.86 11.83
C LEU A 24 4.45 -14.68 11.57
N LYS A 25 5.25 -14.84 12.62
CA LYS A 25 6.42 -15.69 12.56
C LYS A 25 6.76 -16.20 13.96
N SER A 26 7.13 -17.47 14.03
CA SER A 26 7.73 -18.07 15.18
C SER A 26 9.18 -18.36 14.85
N ASN A 27 10.09 -17.96 15.75
CA ASN A 27 11.52 -18.15 15.46
C ASN A 27 11.98 -19.59 15.61
N LYS A 28 11.07 -20.49 15.96
CA LYS A 28 11.35 -21.91 15.89
C LYS A 28 11.28 -22.45 14.47
N ASP A 29 11.13 -21.57 13.48
CA ASP A 29 11.05 -22.04 12.08
C ASP A 29 12.40 -22.29 11.44
N ARG A 30 13.46 -21.78 12.04
CA ARG A 30 14.78 -22.10 11.50
C ARG A 30 15.08 -23.61 11.63
N ASP A 31 14.53 -24.24 12.68
CA ASP A 31 14.78 -25.65 12.97
C ASP A 31 13.73 -26.56 12.40
N THR A 32 12.48 -26.27 12.73
CA THR A 32 11.35 -27.09 12.30
C THR A 32 10.48 -26.29 11.35
N LYS A 33 9.78 -27.00 10.45
CA LYS A 33 8.80 -26.37 9.60
C LYS A 33 7.59 -26.00 10.46
N ILE A 34 7.15 -24.75 10.39
CA ILE A 34 6.01 -24.33 11.17
C ILE A 34 4.81 -23.96 10.30
N PHE A 35 3.65 -24.29 10.84
CA PHE A 35 2.37 -24.06 10.20
C PHE A 35 1.52 -23.11 11.05
N TYR A 36 0.94 -22.09 10.42
CA TYR A 36 0.20 -21.06 11.12
C TYR A 36 -1.28 -21.22 10.84
N SER A 37 -2.09 -20.80 11.79
CA SER A 37 -3.55 -20.77 11.65
C SER A 37 -4.11 -19.65 12.50
N ILE A 38 -5.35 -19.26 12.24
CA ILE A 38 -6.00 -18.23 13.05
C ILE A 38 -7.35 -18.69 13.51
N THR A 39 -7.77 -18.24 14.68
CA THR A 39 -9.13 -18.47 15.12
C THR A 39 -9.75 -17.16 15.56
N GLY A 40 -11.06 -17.21 15.76
CA GLY A 40 -11.84 -16.05 16.18
C GLY A 40 -12.87 -15.65 15.14
N PRO A 41 -13.82 -14.79 15.52
CA PRO A 41 -14.93 -14.34 14.64
C PRO A 41 -14.36 -13.59 13.47
N GLY A 42 -14.82 -13.92 12.26
CA GLY A 42 -14.21 -13.42 11.06
C GLY A 42 -13.32 -14.45 10.38
N ALA A 43 -12.74 -15.34 11.18
CA ALA A 43 -11.78 -16.31 10.64
C ALA A 43 -12.38 -17.69 10.60
N ASP A 44 -12.75 -18.25 11.74
CA ASP A 44 -13.34 -19.56 11.73
C ASP A 44 -14.70 -19.57 12.39
N SER A 45 -15.29 -18.39 12.50
CA SER A 45 -16.70 -18.30 12.85
C SER A 45 -17.21 -16.96 12.28
N PRO A 46 -18.52 -16.74 12.33
CA PRO A 46 -19.04 -15.55 11.65
C PRO A 46 -18.52 -14.24 12.23
N PRO A 47 -18.46 -13.19 11.45
CA PRO A 47 -18.81 -13.18 10.02
C PRO A 47 -17.86 -13.98 9.10
N GLU A 48 -18.44 -14.52 8.04
CA GLU A 48 -17.81 -15.59 7.28
C GLU A 48 -16.83 -15.05 6.27
N GLY A 49 -15.62 -15.60 6.31
CA GLY A 49 -14.67 -15.38 5.27
C GLY A 49 -14.00 -14.02 5.26
N VAL A 50 -13.90 -13.36 6.41
CA VAL A 50 -13.37 -12.00 6.44
C VAL A 50 -11.86 -12.05 6.50
N PHE A 51 -11.31 -12.99 7.30
CA PHE A 51 -9.89 -13.12 7.47
C PHE A 51 -9.42 -14.53 7.15
N ALA A 52 -8.14 -14.62 6.82
CA ALA A 52 -7.44 -15.88 6.67
C ALA A 52 -5.95 -15.67 6.94
N VAL A 53 -5.22 -16.76 7.11
CA VAL A 53 -3.78 -16.69 7.21
C VAL A 53 -3.19 -17.69 6.23
N GLU A 54 -2.08 -17.31 5.59
CA GLU A 54 -1.33 -18.18 4.72
C GLU A 54 -0.60 -19.16 5.66
N LYS A 55 -0.93 -20.44 5.53
CA LYS A 55 -0.42 -21.49 6.40
C LYS A 55 1.09 -21.59 6.57
N GLU A 56 1.84 -21.45 5.49
CA GLU A 56 3.27 -21.65 5.55
C GLU A 56 4.03 -20.36 5.77
N THR A 57 3.54 -19.25 5.23
CA THR A 57 4.25 -17.98 5.36
C THR A 57 3.84 -17.17 6.56
N GLY A 58 2.64 -17.42 7.09
CA GLY A 58 2.15 -16.70 8.24
C GLY A 58 1.50 -15.36 7.93
N TRP A 59 1.27 -15.06 6.64
CA TRP A 59 0.68 -13.74 6.28
C TRP A 59 -0.80 -13.74 6.65
N LEU A 60 -1.19 -12.74 7.40
CA LEU A 60 -2.58 -12.58 7.80
C LEU A 60 -3.26 -11.77 6.71
N LEU A 61 -4.43 -12.19 6.31
CA LEU A 61 -5.09 -11.62 5.13
C LEU A 61 -6.47 -11.10 5.49
N LEU A 62 -6.86 -9.99 4.85
CA LEU A 62 -8.21 -9.49 4.86
C LEU A 62 -8.79 -9.72 3.51
N ASN A 63 -9.91 -10.41 3.46
CA ASN A 63 -10.52 -10.86 2.21
C ASN A 63 -11.65 -9.99 1.62
N LYS A 64 -12.19 -9.04 2.40
CA LYS A 64 -13.32 -8.20 2.03
C LYS A 64 -13.25 -6.85 2.70
N PRO A 65 -13.95 -5.86 2.14
CA PRO A 65 -14.03 -4.56 2.78
C PRO A 65 -14.69 -4.68 4.11
N LEU A 66 -14.29 -3.84 5.05
CA LEU A 66 -14.93 -3.80 6.37
C LEU A 66 -15.86 -2.59 6.50
N ASP A 67 -16.79 -2.67 7.45
CA ASP A 67 -17.72 -1.59 7.76
C ASP A 67 -17.72 -1.27 9.26
N ARG A 68 -17.17 -0.12 9.62
CA ARG A 68 -17.02 0.24 11.03
C ARG A 68 -18.36 0.31 11.74
N GLU A 69 -19.43 0.69 11.04
CA GLU A 69 -20.74 0.89 11.67
C GLU A 69 -21.46 -0.46 11.92
N GLU A 70 -20.99 -1.52 11.28
CA GLU A 70 -21.41 -2.90 11.62
C GLU A 70 -20.58 -3.52 12.72
N ILE A 71 -19.26 -3.55 12.52
CA ILE A 71 -18.32 -4.13 13.50
C ILE A 71 -17.04 -3.29 13.56
N ALA A 72 -16.74 -2.77 14.74
CA ALA A 72 -15.66 -1.80 14.91
C ALA A 72 -14.30 -2.43 15.26
N LYS A 73 -14.30 -3.70 15.67
CA LYS A 73 -13.13 -4.33 16.29
C LYS A 73 -13.23 -5.85 16.20
N TYR A 74 -12.12 -6.55 15.95
CA TYR A 74 -12.11 -8.01 15.94
C TYR A 74 -11.00 -8.50 16.82
N GLU A 75 -11.18 -9.67 17.39
CA GLU A 75 -10.18 -10.27 18.25
C GLU A 75 -9.95 -11.65 17.71
N LEU A 76 -8.73 -11.89 17.26
CA LEU A 76 -8.35 -13.17 16.67
C LEU A 76 -7.22 -13.70 17.49
N PHE A 77 -6.84 -14.94 17.19
CA PHE A 77 -5.68 -15.55 17.78
C PHE A 77 -4.86 -16.24 16.70
N GLY A 78 -3.56 -16.02 16.71
CA GLY A 78 -2.65 -16.71 15.81
C GLY A 78 -2.09 -17.90 16.51
N HIS A 79 -1.93 -19.02 15.79
CA HIS A 79 -1.38 -20.28 16.40
C HIS A 79 -0.25 -20.79 15.55
N ALA A 80 0.74 -21.41 16.18
CA ALA A 80 1.89 -21.97 15.44
C ALA A 80 2.15 -23.38 15.92
N VAL A 81 2.11 -24.32 14.98
CA VAL A 81 2.16 -25.75 15.29
C VAL A 81 3.10 -26.44 14.34
N SER A 82 3.79 -27.49 14.77
CA SER A 82 4.68 -28.26 13.88
C SER A 82 3.87 -29.27 13.10
N GLU A 83 4.51 -29.95 12.14
CA GLU A 83 3.80 -30.89 11.26
C GLU A 83 2.98 -31.96 12.01
N ASN A 84 3.59 -32.52 13.06
CA ASN A 84 2.93 -33.55 13.87
C ASN A 84 1.82 -33.00 14.77
N GLY A 85 1.58 -31.69 14.75
CA GLY A 85 0.45 -31.07 15.47
C GLY A 85 0.77 -30.53 16.87
N ALA A 86 2.03 -30.53 17.30
CA ALA A 86 2.37 -29.93 18.55
C ALA A 86 2.44 -28.41 18.39
N SER A 87 1.72 -27.74 19.25
CA SER A 87 1.85 -26.34 19.54
C SER A 87 3.31 -25.98 19.81
N VAL A 88 3.79 -24.89 19.22
CA VAL A 88 5.11 -24.39 19.57
C VAL A 88 5.13 -22.95 20.10
N GLU A 89 3.97 -22.35 20.31
CA GLU A 89 3.86 -21.05 20.97
C GLU A 89 2.52 -20.99 21.69
N ASP A 90 2.46 -20.17 22.70
CA ASP A 90 1.19 -19.75 23.22
C ASP A 90 0.49 -18.97 22.10
N PRO A 91 -0.83 -19.09 22.01
CA PRO A 91 -1.51 -18.30 21.00
C PRO A 91 -1.25 -16.83 21.16
N MET A 92 -1.15 -16.13 20.02
CA MET A 92 -0.92 -14.70 19.99
C MET A 92 -2.22 -13.96 19.75
N ASN A 93 -2.58 -13.04 20.63
CA ASN A 93 -3.79 -12.25 20.42
C ASN A 93 -3.52 -11.24 19.32
N ILE A 94 -4.45 -11.14 18.38
CA ILE A 94 -4.38 -10.20 17.29
C ILE A 94 -5.64 -9.34 17.26
N SER A 95 -5.48 -8.02 17.44
CA SER A 95 -6.60 -7.09 17.41
C SER A 95 -6.69 -6.42 16.08
N ILE A 96 -7.91 -6.30 15.54
CA ILE A 96 -8.10 -5.46 14.37
C ILE A 96 -9.09 -4.33 14.67
N ILE A 97 -8.64 -3.10 14.44
CA ILE A 97 -9.42 -1.91 14.69
C ILE A 97 -9.85 -1.36 13.35
N VAL A 98 -11.16 -1.22 13.16
CA VAL A 98 -11.69 -0.65 11.93
C VAL A 98 -11.87 0.85 12.11
N THR A 99 -11.13 1.66 11.35
CA THR A 99 -11.18 3.12 11.52
C THR A 99 -12.20 3.77 10.59
N ASP A 100 -12.73 4.90 10.99
CA ASP A 100 -13.91 5.46 10.34
C ASP A 100 -13.60 6.16 9.04
N GLN A 101 -14.47 6.01 8.08
CA GLN A 101 -14.53 6.87 6.93
C GLN A 101 -15.89 7.56 6.94
N ASN A 102 -15.96 8.67 6.21
CA ASN A 102 -17.14 9.53 6.14
C ASN A 102 -18.12 9.00 5.16
N ASP A 103 -18.70 7.85 5.47
CA ASP A 103 -19.66 7.22 4.54
C ASP A 103 -21.11 7.49 4.89
N HIS A 104 -21.37 8.34 5.88
CA HIS A 104 -22.75 8.79 6.17
C HIS A 104 -22.91 10.30 6.04
N LYS A 105 -24.01 10.66 5.39
CA LYS A 105 -24.45 12.04 5.28
C LYS A 105 -25.30 12.38 6.49
N PRO A 106 -25.25 13.64 6.90
CA PRO A 106 -26.11 14.06 7.98
C PRO A 106 -27.60 14.03 7.59
N LYS A 107 -28.43 13.62 8.56
CA LYS A 107 -29.86 13.47 8.39
C LYS A 107 -30.59 14.22 9.50
N PHE A 108 -31.47 15.14 9.11
CA PHE A 108 -32.29 15.87 10.06
C PHE A 108 -33.27 14.92 10.70
N THR A 109 -33.60 15.16 11.96
CA THR A 109 -34.57 14.31 12.65
C THR A 109 -35.99 14.40 12.09
N GLN A 110 -36.32 15.52 11.45
CA GLN A 110 -37.59 15.64 10.74
C GLN A 110 -37.41 16.52 9.51
N ASP A 111 -38.33 16.42 8.54
CA ASP A 111 -38.23 17.21 7.27
C ASP A 111 -38.53 18.70 7.43
N THR A 112 -39.52 18.99 8.27
CA THR A 112 -39.90 20.36 8.53
C THR A 112 -39.94 20.57 10.04
N PHE A 113 -39.28 21.63 10.49
CA PHE A 113 -39.32 22.00 11.88
C PHE A 113 -40.19 23.23 11.97
N ARG A 114 -40.96 23.34 13.04
CA ARG A 114 -41.79 24.52 13.32
C ARG A 114 -41.49 25.09 14.67
N GLY A 115 -41.57 26.42 14.77
CA GLY A 115 -41.44 27.06 16.06
C GLY A 115 -42.14 28.36 16.04
N SER A 116 -42.09 29.06 17.18
CA SER A 116 -42.68 30.36 17.23
C SER A 116 -41.88 31.32 18.11
N VAL A 117 -42.25 32.60 17.97
CA VAL A 117 -41.75 33.65 18.80
C VAL A 117 -42.64 34.89 18.79
N LEU A 118 -42.63 35.60 19.90
CA LEU A 118 -43.37 36.83 20.08
C LEU A 118 -42.72 37.97 19.34
N GLU A 119 -43.55 38.77 18.67
CA GLU A 119 -43.12 39.97 17.97
C GLU A 119 -42.19 40.92 18.77
N GLY A 120 -42.43 41.06 20.05
CA GLY A 120 -41.63 42.01 20.84
C GLY A 120 -40.15 41.72 21.09
N VAL A 121 -39.73 40.46 21.00
CA VAL A 121 -38.52 40.04 21.72
C VAL A 121 -37.23 40.78 21.34
N LEU A 122 -36.27 40.85 22.26
CA LEU A 122 -34.93 41.43 22.01
C LEU A 122 -34.05 40.46 21.21
N PRO A 123 -33.12 41.00 20.42
CA PRO A 123 -32.03 40.20 19.85
C PRO A 123 -31.39 39.29 20.89
N GLY A 124 -31.03 38.09 20.46
CA GLY A 124 -30.45 37.09 21.36
C GLY A 124 -31.48 36.09 21.83
N THR A 125 -32.76 36.42 21.70
CA THR A 125 -33.83 35.54 22.16
C THR A 125 -33.87 34.23 21.36
N SER A 126 -33.78 33.13 22.09
CA SER A 126 -33.99 31.78 21.54
C SER A 126 -35.42 31.58 21.00
N VAL A 127 -35.52 30.87 19.88
CA VAL A 127 -36.81 30.61 19.22
C VAL A 127 -37.17 29.13 19.16
N MET A 128 -36.21 28.34 18.68
CA MET A 128 -36.41 26.92 18.46
C MET A 128 -35.05 26.23 18.26
N GLN A 129 -35.06 24.91 18.19
CA GLN A 129 -33.84 24.14 17.95
C GLN A 129 -34.09 23.12 16.89
N VAL A 130 -33.13 22.92 15.99
CA VAL A 130 -33.20 21.85 15.01
C VAL A 130 -32.02 20.91 15.21
N THR A 131 -32.14 19.69 14.68
CA THR A 131 -31.16 18.63 14.96
C THR A 131 -30.96 17.74 13.76
N ALA A 132 -29.69 17.42 13.53
CA ALA A 132 -29.32 16.45 12.54
C ALA A 132 -28.28 15.47 13.13
N THR A 133 -28.43 14.21 12.77
CA THR A 133 -27.56 13.17 13.26
C THR A 133 -26.70 12.70 12.11
N ASP A 134 -25.60 12.09 12.46
CA ASP A 134 -24.69 11.62 11.48
C ASP A 134 -24.05 10.40 12.09
N GLU A 135 -24.18 9.28 11.40
CA GLU A 135 -23.83 7.99 12.00
C GLU A 135 -22.32 7.77 12.15
N ASP A 136 -21.50 8.65 11.56
CA ASP A 136 -20.07 8.49 11.60
C ASP A 136 -19.51 8.82 12.97
N ASP A 137 -18.21 8.62 13.12
CA ASP A 137 -17.48 8.84 14.37
C ASP A 137 -17.31 10.32 14.65
N ALA A 138 -17.72 10.73 15.84
CA ALA A 138 -17.62 12.12 16.24
C ALA A 138 -16.61 12.38 17.36
N ILE A 139 -15.84 11.36 17.74
CA ILE A 139 -14.86 11.49 18.84
C ILE A 139 -13.44 11.68 18.30
N TYR A 140 -12.99 10.76 17.46
CA TYR A 140 -11.64 10.82 16.93
C TYR A 140 -11.56 11.57 15.61
N THR A 141 -12.67 11.60 14.86
CA THR A 141 -12.76 12.42 13.66
C THR A 141 -13.90 13.44 13.76
N TYR A 142 -14.05 14.24 12.70
CA TYR A 142 -15.16 15.17 12.55
C TYR A 142 -16.22 14.63 11.61
N ASN A 143 -16.10 13.37 11.23
CA ASN A 143 -16.95 12.86 10.19
C ASN A 143 -18.43 12.84 10.62
N GLY A 144 -18.64 12.80 11.93
CA GLY A 144 -19.98 12.73 12.49
C GLY A 144 -20.36 13.99 13.25
N VAL A 145 -19.52 15.00 13.13
CA VAL A 145 -19.75 16.28 13.76
C VAL A 145 -20.35 17.23 12.74
N VAL A 146 -21.57 17.67 13.06
CA VAL A 146 -22.41 18.51 12.23
C VAL A 146 -22.33 19.97 12.59
N ALA A 147 -22.19 20.82 11.58
CA ALA A 147 -22.25 22.26 11.75
C ALA A 147 -23.48 22.79 11.05
N TYR A 148 -24.21 23.70 11.70
CA TYR A 148 -25.50 24.18 11.20
C TYR A 148 -25.33 25.56 10.68
N SER A 149 -26.10 25.92 9.65
CA SER A 149 -26.17 27.31 9.15
C SER A 149 -27.52 27.60 8.53
N ILE A 150 -27.80 28.89 8.35
CA ILE A 150 -29.00 29.32 7.67
C ILE A 150 -28.63 29.72 6.24
N HIS A 151 -29.07 28.92 5.28
CA HIS A 151 -28.82 29.24 3.90
C HIS A 151 -29.61 30.49 3.47
N SER A 152 -30.86 30.61 3.93
CA SER A 152 -31.69 31.76 3.51
C SER A 152 -32.97 31.87 4.29
N GLN A 153 -33.60 33.04 4.15
CA GLN A 153 -34.79 33.41 4.88
C GLN A 153 -35.82 33.96 3.87
N GLU A 154 -37.09 33.60 4.01
CA GLU A 154 -38.15 34.18 3.17
C GLU A 154 -39.37 34.51 4.02
N PRO A 155 -40.00 35.68 3.81
CA PRO A 155 -39.50 36.75 2.95
C PRO A 155 -38.42 37.57 3.65
N LYS A 156 -37.83 38.53 2.94
CA LYS A 156 -36.73 39.37 3.49
C LYS A 156 -37.23 40.67 4.05
N ASP A 157 -38.35 40.61 4.72
CA ASP A 157 -39.06 41.77 5.21
C ASP A 157 -39.09 41.63 6.75
N PRO A 158 -38.64 42.63 7.49
CA PRO A 158 -38.15 43.93 6.99
C PRO A 158 -36.76 43.89 6.35
N HIS A 159 -35.91 42.97 6.77
CA HIS A 159 -34.60 42.75 6.11
C HIS A 159 -34.13 41.30 6.29
N ASP A 160 -32.95 40.97 5.78
CA ASP A 160 -32.56 39.58 5.55
C ASP A 160 -31.96 38.70 6.61
N LEU A 161 -31.37 39.27 7.63
CA LEU A 161 -30.73 38.39 8.61
C LEU A 161 -31.45 38.62 9.91
N MET A 162 -32.73 38.29 9.94
CA MET A 162 -33.52 38.38 11.15
C MET A 162 -33.09 37.33 12.20
N PHE A 163 -32.60 36.19 11.72
CA PHE A 163 -32.25 35.08 12.58
C PHE A 163 -30.84 34.60 12.37
N THR A 164 -30.34 33.88 13.38
CA THR A 164 -29.04 33.25 13.35
C THR A 164 -29.22 31.84 13.88
N ILE A 165 -28.22 31.01 13.68
CA ILE A 165 -28.27 29.68 14.23
C ILE A 165 -26.94 29.34 14.82
N HIS A 166 -26.97 28.75 16.00
CA HIS A 166 -25.73 28.37 16.68
C HIS A 166 -25.16 27.16 15.95
N ARG A 167 -23.91 27.25 15.53
CA ARG A 167 -23.35 26.30 14.57
C ARG A 167 -23.17 24.88 15.11
N SER A 168 -23.13 24.72 16.43
CA SER A 168 -23.14 23.40 17.08
C SER A 168 -24.44 22.96 17.69
N THR A 169 -25.17 23.84 18.38
CA THR A 169 -26.38 23.41 19.12
C THR A 169 -27.60 23.29 18.25
N GLY A 170 -27.64 24.08 17.17
CA GLY A 170 -28.78 24.12 16.28
C GLY A 170 -29.89 25.01 16.80
N THR A 171 -29.59 25.75 17.85
CA THR A 171 -30.54 26.66 18.42
C THR A 171 -30.66 27.89 17.49
N ILE A 172 -31.89 28.20 17.06
CA ILE A 172 -32.14 29.36 16.23
C ILE A 172 -32.56 30.52 17.12
N SER A 173 -32.00 31.70 16.86
CA SER A 173 -32.24 32.85 17.65
C SER A 173 -32.59 34.04 16.82
N VAL A 174 -33.29 34.97 17.43
CA VAL A 174 -33.53 36.27 16.82
C VAL A 174 -32.32 37.17 17.01
N ILE A 175 -31.93 37.91 15.97
CA ILE A 175 -30.78 38.83 16.06
C ILE A 175 -31.05 40.25 15.59
N SER A 176 -32.30 40.55 15.31
CA SER A 176 -32.67 41.85 14.83
C SER A 176 -34.10 42.12 15.26
N SER A 177 -34.45 43.39 15.38
CA SER A 177 -35.78 43.77 15.85
C SER A 177 -36.72 43.99 14.71
N GLY A 178 -37.97 44.22 15.10
CA GLY A 178 -39.01 44.68 14.22
C GLY A 178 -39.74 43.54 13.54
N LEU A 179 -40.02 42.47 14.30
CA LEU A 179 -40.93 41.45 13.86
C LEU A 179 -42.31 42.00 14.15
N ASP A 180 -43.25 41.85 13.22
CA ASP A 180 -44.64 42.21 13.50
C ASP A 180 -45.57 41.19 12.85
N ARG A 181 -46.33 40.48 13.70
CA ARG A 181 -47.27 39.45 13.25
C ARG A 181 -48.14 39.90 12.08
N GLU A 182 -48.79 41.05 12.23
CA GLU A 182 -49.70 41.59 11.20
C GLU A 182 -48.95 41.80 9.89
N LYS A 183 -47.72 42.27 9.99
CA LYS A 183 -46.90 42.56 8.83
C LYS A 183 -46.39 41.29 8.12
N VAL A 184 -45.52 40.53 8.80
CA VAL A 184 -45.03 39.25 8.29
C VAL A 184 -45.30 38.19 9.36
N PRO A 185 -46.31 37.34 9.16
CA PRO A 185 -46.63 36.35 10.20
C PRO A 185 -45.72 35.12 10.20
N GLU A 186 -44.94 34.90 9.14
CA GLU A 186 -44.23 33.63 8.97
C GLU A 186 -42.95 33.72 8.17
N TYR A 187 -41.86 33.23 8.72
CA TYR A 187 -40.61 33.15 8.00
C TYR A 187 -40.32 31.72 7.67
N THR A 188 -39.75 31.51 6.50
CA THR A 188 -39.28 30.21 6.09
C THR A 188 -37.74 30.25 5.97
N LEU A 189 -37.09 29.38 6.71
CA LEU A 189 -35.65 29.36 6.78
C LEU A 189 -35.18 28.04 6.23
N THR A 190 -34.24 28.10 5.31
CA THR A 190 -33.66 26.90 4.77
C THR A 190 -32.43 26.70 5.63
N ILE A 191 -32.38 25.57 6.31
CA ILE A 191 -31.29 25.30 7.23
C ILE A 191 -30.49 24.14 6.68
N GLN A 192 -29.20 24.17 6.99
CA GLN A 192 -28.25 23.23 6.46
C GLN A 192 -27.43 22.58 7.57
N ALA A 193 -27.11 21.32 7.37
CA ALA A 193 -26.30 20.58 8.31
C ALA A 193 -25.17 19.95 7.53
N THR A 194 -23.95 20.28 7.91
CA THR A 194 -22.77 19.94 7.13
C THR A 194 -21.83 19.19 8.04
N ASP A 195 -21.44 17.98 7.63
CA ASP A 195 -20.53 17.18 8.48
C ASP A 195 -19.09 17.62 8.29
N MET A 196 -18.16 16.90 8.91
CA MET A 196 -16.75 17.36 9.01
C MET A 196 -16.70 18.79 9.54
N ASP A 197 -17.59 19.04 10.49
CA ASP A 197 -17.72 20.33 11.14
C ASP A 197 -17.69 21.53 10.19
N GLY A 198 -18.46 21.44 9.12
CA GLY A 198 -18.53 22.52 8.15
C GLY A 198 -17.77 22.26 6.86
N ASP A 199 -16.83 21.31 6.85
CA ASP A 199 -15.97 21.06 5.67
C ASP A 199 -16.52 19.96 4.72
N GLY A 200 -17.53 19.23 5.15
CA GLY A 200 -18.00 18.07 4.40
C GLY A 200 -19.29 18.24 3.62
N SER A 201 -20.10 17.20 3.64
CA SER A 201 -21.34 17.13 2.87
C SER A 201 -22.48 17.86 3.58
N THR A 202 -23.43 18.37 2.80
CA THR A 202 -24.53 19.19 3.33
C THR A 202 -25.92 18.67 3.02
N THR A 203 -26.78 18.61 4.06
CA THR A 203 -28.17 18.21 3.95
C THR A 203 -29.02 19.42 4.29
N THR A 204 -30.17 19.55 3.63
CA THR A 204 -31.06 20.70 3.77
C THR A 204 -32.43 20.30 4.40
N ALA A 205 -32.95 21.13 5.29
CA ALA A 205 -34.34 20.98 5.78
C ALA A 205 -34.92 22.36 5.94
N VAL A 206 -36.22 22.43 6.25
CA VAL A 206 -36.90 23.71 6.44
C VAL A 206 -37.28 23.95 7.90
N ALA A 207 -37.19 25.20 8.31
CA ALA A 207 -37.67 25.62 9.62
C ALA A 207 -38.60 26.79 9.42
N VAL A 208 -39.86 26.60 9.81
CA VAL A 208 -40.85 27.65 9.74
C VAL A 208 -40.98 28.29 11.13
N VAL A 209 -40.92 29.61 11.18
CA VAL A 209 -41.10 30.37 12.42
C VAL A 209 -42.37 31.22 12.38
N GLU A 210 -43.33 30.94 13.25
CA GLU A 210 -44.53 31.75 13.30
C GLU A 210 -44.32 32.90 14.27
N ILE A 211 -44.81 34.08 13.92
CA ILE A 211 -44.72 35.25 14.77
C ILE A 211 -46.05 35.43 15.56
N LEU A 212 -45.97 35.60 16.88
CA LEU A 212 -47.15 35.65 17.72
C LEU A 212 -47.45 37.01 18.30
N ASP A 213 -48.64 37.14 18.88
CA ASP A 213 -49.11 38.38 19.54
C ASP A 213 -49.06 38.29 21.04
N GLN B 1 -29.68 -22.02 2.95
CA GLN B 1 -29.62 -22.95 1.75
C GLN B 1 -29.09 -22.19 0.50
N VAL B 2 -27.79 -22.28 0.26
CA VAL B 2 -27.15 -21.45 -0.74
C VAL B 2 -27.36 -21.98 -2.16
N GLN B 3 -27.95 -21.14 -3.01
CA GLN B 3 -28.31 -21.53 -4.38
C GLN B 3 -27.97 -20.45 -5.35
N LEU B 4 -27.46 -20.86 -6.51
CA LEU B 4 -27.15 -19.96 -7.58
C LEU B 4 -27.87 -20.50 -8.83
N GLN B 5 -28.73 -19.67 -9.40
CA GLN B 5 -29.51 -20.08 -10.56
C GLN B 5 -29.11 -19.32 -11.80
N GLN B 6 -28.77 -20.06 -12.83
CA GLN B 6 -28.45 -19.48 -14.12
C GLN B 6 -29.42 -20.02 -15.18
N PRO B 7 -29.85 -19.15 -16.11
CA PRO B 7 -30.82 -19.56 -17.16
C PRO B 7 -30.53 -20.86 -17.90
N GLY B 8 -29.30 -21.15 -18.33
CA GLY B 8 -29.04 -22.50 -18.93
C GLY B 8 -28.63 -22.62 -20.40
N THR B 9 -29.31 -21.91 -21.32
CA THR B 9 -28.78 -21.74 -22.69
C THR B 9 -29.10 -20.36 -23.24
N GLU B 10 -28.18 -19.82 -24.06
CA GLU B 10 -28.43 -18.59 -24.84
C GLU B 10 -27.74 -18.68 -26.22
N LEU B 11 -28.46 -18.24 -27.26
CA LEU B 11 -27.98 -18.27 -28.65
C LEU B 11 -27.69 -16.87 -29.16
N VAL B 12 -26.49 -16.63 -29.66
CA VAL B 12 -26.07 -15.27 -30.05
C VAL B 12 -25.12 -15.29 -31.24
N LYS B 13 -25.08 -14.19 -31.99
CA LYS B 13 -24.26 -14.08 -33.18
C LYS B 13 -22.96 -13.33 -32.95
N PRO B 14 -21.92 -13.63 -33.77
CA PRO B 14 -20.58 -13.07 -33.55
C PRO B 14 -20.54 -11.54 -33.54
N GLY B 15 -19.79 -10.94 -32.62
CA GLY B 15 -19.63 -9.49 -32.56
C GLY B 15 -20.59 -8.78 -31.63
N ALA B 16 -21.71 -9.41 -31.31
CA ALA B 16 -22.68 -8.83 -30.37
C ALA B 16 -22.14 -9.02 -28.96
N SER B 17 -22.83 -8.41 -27.99
CA SER B 17 -22.54 -8.67 -26.60
C SER B 17 -23.71 -9.43 -25.97
N VAL B 18 -23.45 -10.10 -24.85
CA VAL B 18 -24.50 -10.81 -24.13
C VAL B 18 -24.28 -10.67 -22.63
N LYS B 19 -25.37 -10.60 -21.86
CA LYS B 19 -25.28 -10.53 -20.41
C LYS B 19 -25.85 -11.82 -19.78
N LEU B 20 -24.99 -12.49 -19.01
CA LEU B 20 -25.39 -13.71 -18.30
C LEU B 20 -25.77 -13.36 -16.89
N SER B 21 -26.76 -14.05 -16.37
CA SER B 21 -27.24 -13.78 -15.05
C SER B 21 -27.02 -14.96 -14.12
N CYS B 22 -26.88 -14.64 -12.84
CA CYS B 22 -26.68 -15.60 -11.77
C CYS B 22 -27.51 -15.08 -10.60
N LYS B 23 -28.63 -15.75 -10.34
CA LYS B 23 -29.57 -15.33 -9.33
C LYS B 23 -29.22 -16.03 -8.02
N ALA B 24 -29.01 -15.26 -6.95
CA ALA B 24 -28.61 -15.81 -5.65
C ALA B 24 -29.75 -15.82 -4.64
N SER B 25 -29.81 -16.87 -3.80
CA SER B 25 -30.67 -16.92 -2.62
C SER B 25 -30.10 -17.77 -1.46
N GLY B 26 -30.70 -17.66 -0.28
CA GLY B 26 -30.28 -18.47 0.92
C GLY B 26 -29.27 -17.80 1.85
N TYR B 27 -28.86 -16.59 1.50
CA TYR B 27 -27.87 -15.84 2.26
C TYR B 27 -27.92 -14.37 1.86
N THR B 28 -27.23 -13.52 2.63
CA THR B 28 -27.15 -12.10 2.33
C THR B 28 -26.23 -11.88 1.13
N PHE B 29 -26.78 -11.39 0.03
CA PHE B 29 -26.09 -11.33 -1.24
C PHE B 29 -24.85 -10.45 -1.26
N THR B 30 -24.90 -9.34 -0.53
CA THR B 30 -23.89 -8.30 -0.61
C THR B 30 -22.55 -8.69 -0.01
N ARG B 31 -22.52 -9.72 0.83
CA ARG B 31 -21.38 -10.03 1.68
C ARG B 31 -20.45 -11.11 1.14
N TYR B 32 -20.67 -11.62 -0.07
CA TYR B 32 -19.97 -12.82 -0.53
C TYR B 32 -19.52 -12.72 -1.96
N TRP B 33 -18.23 -13.02 -2.17
CA TRP B 33 -17.64 -12.99 -3.49
C TRP B 33 -18.32 -13.98 -4.43
N ILE B 34 -18.64 -13.53 -5.63
CA ILE B 34 -19.09 -14.44 -6.72
C ILE B 34 -18.06 -14.53 -7.85
N ASN B 35 -17.71 -15.76 -8.20
CA ASN B 35 -16.72 -16.05 -9.23
C ASN B 35 -17.39 -16.54 -10.50
N TRP B 36 -16.77 -16.28 -11.65
CA TRP B 36 -17.23 -16.83 -12.93
C TRP B 36 -16.14 -17.70 -13.56
N VAL B 37 -16.60 -18.74 -14.26
CA VAL B 37 -15.75 -19.80 -14.77
C VAL B 37 -16.21 -20.25 -16.16
N LYS B 38 -15.26 -20.44 -17.07
CA LYS B 38 -15.55 -20.85 -18.45
C LYS B 38 -15.17 -22.31 -18.63
N GLN B 39 -15.96 -23.05 -19.39
CA GLN B 39 -15.63 -24.44 -19.77
C GLN B 39 -15.92 -24.71 -21.25
N ARG B 40 -14.95 -25.31 -21.95
CA ARG B 40 -15.15 -25.80 -23.31
C ARG B 40 -14.60 -27.22 -23.42
N PRO B 41 -14.94 -27.90 -24.53
CA PRO B 41 -14.18 -29.07 -24.99
C PRO B 41 -12.67 -28.99 -24.71
N GLY B 44 -10.88 -27.32 -21.18
CA GLY B 44 -10.87 -27.41 -19.72
C GLY B 44 -11.56 -26.24 -19.00
N LEU B 45 -11.27 -26.08 -17.71
CA LEU B 45 -11.88 -25.02 -16.86
C LEU B 45 -11.02 -23.79 -16.67
N GLU B 46 -11.62 -22.60 -16.76
CA GLU B 46 -10.88 -21.34 -16.62
C GLU B 46 -11.59 -20.36 -15.66
N TRP B 47 -10.84 -19.69 -14.79
CA TRP B 47 -11.36 -18.65 -13.91
C TRP B 47 -11.35 -17.31 -14.61
N ILE B 48 -12.52 -16.70 -14.76
CA ILE B 48 -12.66 -15.41 -15.46
C ILE B 48 -12.40 -14.27 -14.49
N GLY B 49 -13.11 -14.27 -13.37
CA GLY B 49 -12.92 -13.23 -12.36
C GLY B 49 -13.95 -13.34 -11.28
N ASN B 50 -13.94 -12.40 -10.37
CA ASN B 50 -14.95 -12.40 -9.32
C ASN B 50 -15.29 -11.00 -8.94
N ILE B 51 -16.34 -10.87 -8.13
CA ILE B 51 -16.86 -9.56 -7.73
C ILE B 51 -17.39 -9.68 -6.30
N TYR B 52 -17.17 -8.64 -5.50
CA TYR B 52 -17.77 -8.51 -4.19
C TYR B 52 -18.93 -7.55 -4.33
N PRO B 53 -20.16 -8.05 -4.29
CA PRO B 53 -21.35 -7.25 -4.60
C PRO B 53 -21.55 -5.96 -3.82
N GLY B 54 -21.37 -6.00 -2.50
CA GLY B 54 -21.65 -4.85 -1.64
C GLY B 54 -20.95 -3.55 -2.06
N SER B 55 -19.72 -3.70 -2.59
CA SER B 55 -18.87 -2.59 -2.96
C SER B 55 -18.56 -2.55 -4.44
N ASN B 56 -19.02 -3.53 -5.19
CA ASN B 56 -18.73 -3.55 -6.60
C ASN B 56 -17.22 -3.53 -6.91
N ILE B 57 -16.48 -4.39 -6.23
CA ILE B 57 -15.05 -4.55 -6.39
C ILE B 57 -14.85 -5.83 -7.17
N THR B 58 -13.88 -5.85 -8.09
CA THR B 58 -13.62 -6.99 -8.93
C THR B 58 -12.17 -7.39 -8.93
N ASN B 59 -11.94 -8.65 -9.23
CA ASN B 59 -10.63 -9.14 -9.63
C ASN B 59 -10.82 -9.83 -10.96
N TYR B 60 -9.95 -9.53 -11.92
CA TYR B 60 -10.01 -10.20 -13.22
C TYR B 60 -8.76 -11.03 -13.53
N ASN B 61 -8.96 -12.14 -14.22
CA ASN B 61 -7.89 -12.81 -14.92
C ASN B 61 -7.49 -11.91 -16.13
N GLU B 62 -6.19 -11.62 -16.26
CA GLU B 62 -5.66 -10.77 -17.36
C GLU B 62 -6.20 -11.26 -18.72
N LYS B 63 -6.36 -12.58 -18.87
CA LYS B 63 -6.86 -13.17 -20.10
C LYS B 63 -8.26 -12.69 -20.54
N PHE B 64 -9.16 -12.41 -19.61
CA PHE B 64 -10.51 -11.97 -19.95
C PHE B 64 -10.75 -10.51 -19.67
N LYS B 65 -9.70 -9.78 -19.31
CA LYS B 65 -9.79 -8.33 -19.04
C LYS B 65 -10.61 -7.56 -20.07
N ASN B 66 -10.43 -7.90 -21.35
CA ASN B 66 -11.12 -7.24 -22.47
C ASN B 66 -12.44 -7.89 -22.93
N LYS B 67 -12.66 -9.16 -22.62
CA LYS B 67 -13.97 -9.79 -22.91
C LYS B 67 -15.02 -9.53 -21.86
N ALA B 68 -14.65 -9.75 -20.60
CA ALA B 68 -15.62 -9.83 -19.51
C ALA B 68 -15.68 -8.61 -18.63
N THR B 69 -16.90 -8.17 -18.33
CA THR B 69 -17.14 -7.18 -17.29
C THR B 69 -18.26 -7.70 -16.37
N LEU B 70 -17.98 -7.64 -15.07
CA LEU B 70 -18.81 -8.22 -14.04
C LEU B 70 -19.57 -7.13 -13.33
N THR B 71 -20.88 -7.29 -13.21
CA THR B 71 -21.68 -6.34 -12.46
C THR B 71 -22.59 -7.09 -11.50
N VAL B 72 -23.30 -6.31 -10.69
CA VAL B 72 -24.33 -6.84 -9.80
C VAL B 72 -25.54 -5.92 -9.75
N ASP B 73 -26.69 -6.49 -9.44
CA ASP B 73 -27.85 -5.69 -9.09
C ASP B 73 -28.28 -6.18 -7.72
N THR B 74 -27.77 -5.46 -6.73
CA THR B 74 -28.14 -5.59 -5.32
C THR B 74 -29.64 -5.73 -5.06
N SER B 75 -30.46 -4.87 -5.64
CA SER B 75 -31.91 -4.95 -5.47
C SER B 75 -32.51 -6.31 -5.80
N SER B 76 -31.95 -7.01 -6.77
CA SER B 76 -32.52 -8.29 -7.19
C SER B 76 -31.60 -9.49 -6.88
N ASN B 77 -30.62 -9.31 -6.00
CA ASN B 77 -29.69 -10.36 -5.66
C ASN B 77 -29.11 -11.08 -6.87
N THR B 78 -28.77 -10.33 -7.92
CA THR B 78 -28.31 -10.90 -9.17
C THR B 78 -26.95 -10.37 -9.59
N ALA B 79 -26.06 -11.30 -9.93
CA ALA B 79 -24.75 -11.00 -10.51
C ALA B 79 -24.85 -11.14 -12.01
N TYR B 80 -24.12 -10.28 -12.74
CA TYR B 80 -24.13 -10.37 -14.20
C TYR B 80 -22.72 -10.42 -14.70
N MET B 81 -22.55 -11.08 -15.83
CA MET B 81 -21.32 -11.00 -16.58
C MET B 81 -21.64 -10.68 -18.03
N GLN B 82 -21.12 -9.55 -18.48
CA GLN B 82 -21.27 -9.14 -19.86
C GLN B 82 -20.06 -9.64 -20.63
N LEU B 83 -20.31 -10.37 -21.72
CA LEU B 83 -19.27 -10.76 -22.67
C LEU B 83 -19.36 -9.93 -23.95
N SER B 84 -18.27 -9.30 -24.36
CA SER B 84 -18.29 -8.36 -25.49
C SER B 84 -17.69 -8.96 -26.76
N SER B 85 -18.15 -8.47 -27.90
CA SER B 85 -17.58 -8.80 -29.20
C SER B 85 -17.32 -10.31 -29.38
N LEU B 86 -18.37 -11.12 -29.30
CA LEU B 86 -18.26 -12.58 -29.29
C LEU B 86 -17.60 -13.20 -30.53
N THR B 87 -16.79 -14.24 -30.31
CA THR B 87 -16.32 -15.14 -31.39
C THR B 87 -16.75 -16.56 -31.09
N SER B 88 -16.39 -17.50 -31.97
CA SER B 88 -16.61 -18.93 -31.73
C SER B 88 -15.86 -19.40 -30.49
N ASP B 89 -14.72 -18.76 -30.19
CA ASP B 89 -13.90 -19.11 -29.02
C ASP B 89 -14.63 -18.90 -27.70
N ASP B 90 -15.55 -17.95 -27.70
CA ASP B 90 -16.35 -17.66 -26.53
C ASP B 90 -17.43 -18.72 -26.29
N SER B 91 -17.81 -19.47 -27.32
CA SER B 91 -18.85 -20.49 -27.12
C SER B 91 -18.34 -21.54 -26.12
N ALA B 92 -19.09 -21.69 -25.04
CA ALA B 92 -18.64 -22.43 -23.85
C ALA B 92 -19.78 -22.58 -22.82
N VAL B 93 -19.50 -23.25 -21.71
CA VAL B 93 -20.38 -23.19 -20.54
C VAL B 93 -19.78 -22.22 -19.50
N TYR B 94 -20.64 -21.38 -18.95
CA TYR B 94 -20.24 -20.36 -18.02
C TYR B 94 -20.94 -20.62 -16.69
N TYR B 95 -20.15 -20.81 -15.64
CA TYR B 95 -20.65 -21.12 -14.30
C TYR B 95 -20.45 -19.92 -13.42
N CYS B 96 -21.40 -19.66 -12.52
CA CYS B 96 -21.11 -18.78 -11.40
C CYS B 96 -20.92 -19.68 -10.16
N ALA B 97 -20.15 -19.19 -9.19
CA ALA B 97 -19.82 -19.95 -7.96
C ALA B 97 -19.55 -19.01 -6.80
N ARG B 98 -20.19 -19.24 -5.67
CA ARG B 98 -19.98 -18.39 -4.50
C ARG B 98 -18.86 -18.95 -3.61
N GLU B 99 -18.13 -18.08 -2.95
CA GLU B 99 -17.19 -18.50 -1.88
C GLU B 99 -17.99 -19.27 -0.82
N GLY B 100 -17.42 -20.15 0.00
CA GLY B 100 -16.04 -20.53 0.11
C GLY B 100 -16.03 -21.43 1.33
N ILE B 101 -14.90 -21.89 1.82
CA ILE B 101 -14.88 -22.78 3.03
C ILE B 101 -14.36 -21.97 4.23
N TYR B 102 -14.95 -22.09 5.41
CA TYR B 102 -14.63 -21.14 6.50
C TYR B 102 -13.91 -21.72 7.72
N ASP B 103 -12.60 -21.81 7.60
CA ASP B 103 -11.75 -22.42 8.61
C ASP B 103 -10.48 -21.65 8.89
N GLY B 104 -10.42 -20.39 8.47
CA GLY B 104 -9.27 -19.57 8.76
C GLY B 104 -8.25 -19.54 7.64
N TYR B 105 -8.48 -20.33 6.59
CA TYR B 105 -7.63 -20.30 5.38
C TYR B 105 -8.41 -19.69 4.23
N PHE B 106 -7.70 -19.37 3.17
CA PHE B 106 -8.29 -18.61 2.09
C PHE B 106 -9.45 -19.42 1.51
N PRO B 107 -10.66 -18.84 1.48
CA PRO B 107 -11.76 -19.56 0.92
C PRO B 107 -11.60 -19.94 -0.53
N LEU B 108 -12.42 -20.91 -0.93
CA LEU B 108 -12.50 -21.40 -2.28
C LEU B 108 -13.92 -21.09 -2.75
N PHE B 109 -14.47 -21.88 -3.67
CA PHE B 109 -15.87 -21.75 -4.04
C PHE B 109 -16.53 -23.08 -4.34
N PRO B 110 -17.23 -23.65 -3.33
CA PRO B 110 -17.92 -24.93 -3.44
C PRO B 110 -19.39 -24.87 -3.91
N TYR B 111 -19.98 -23.68 -4.04
CA TYR B 111 -21.40 -23.54 -4.41
C TYR B 111 -21.54 -23.09 -5.86
N TRP B 112 -21.93 -23.97 -6.76
CA TRP B 112 -22.00 -23.62 -8.18
C TRP B 112 -23.42 -23.54 -8.71
N GLY B 113 -23.64 -22.64 -9.67
CA GLY B 113 -24.88 -22.67 -10.43
C GLY B 113 -24.72 -23.80 -11.41
N GLN B 114 -25.80 -24.15 -12.11
CA GLN B 114 -25.79 -25.30 -13.02
C GLN B 114 -25.26 -24.91 -14.38
N GLY B 115 -24.95 -23.62 -14.58
CA GLY B 115 -24.23 -23.16 -15.77
C GLY B 115 -25.14 -22.69 -16.88
N THR B 116 -24.67 -21.74 -17.68
CA THR B 116 -25.39 -21.27 -18.86
C THR B 116 -24.56 -21.53 -20.10
N LEU B 117 -25.19 -22.14 -21.12
CA LEU B 117 -24.52 -22.55 -22.35
C LEU B 117 -24.67 -21.50 -23.43
N VAL B 118 -23.53 -20.98 -23.87
CA VAL B 118 -23.47 -20.01 -24.96
C VAL B 118 -22.93 -20.69 -26.21
N THR B 119 -23.69 -20.67 -27.30
CA THR B 119 -23.20 -21.14 -28.61
C THR B 119 -23.15 -19.95 -29.61
N VAL B 120 -22.04 -19.85 -30.34
CA VAL B 120 -21.81 -18.73 -31.28
C VAL B 120 -21.73 -19.22 -32.75
N ILE B 141 0.88 -14.74 -17.47
CA ILE B 141 1.61 -15.17 -16.29
C ILE B 141 0.69 -15.65 -15.15
N GLU B 142 0.83 -16.93 -14.81
CA GLU B 142 -0.01 -17.55 -13.82
C GLU B 142 0.68 -18.84 -13.39
N ASN B 143 0.08 -19.54 -12.44
CA ASN B 143 0.62 -20.83 -12.02
C ASN B 143 -0.06 -21.95 -12.81
N VAL B 144 0.61 -22.44 -13.84
CA VAL B 144 0.00 -23.46 -14.70
C VAL B 144 0.02 -24.82 -14.04
N LEU B 145 -1.11 -25.51 -14.20
CA LEU B 145 -1.35 -26.79 -13.57
C LEU B 145 -1.45 -27.87 -14.62
N THR B 146 -0.45 -28.74 -14.67
CA THR B 146 -0.42 -29.80 -15.66
C THR B 146 -0.87 -31.10 -14.99
N GLN B 147 -1.94 -31.66 -15.54
CA GLN B 147 -2.59 -32.83 -14.97
C GLN B 147 -2.33 -34.03 -15.86
N SER B 148 -1.97 -35.16 -15.27
CA SER B 148 -1.81 -36.39 -16.05
C SER B 148 -2.25 -37.61 -15.25
N PRO B 149 -2.74 -38.64 -15.93
CA PRO B 149 -2.97 -38.63 -17.38
C PRO B 149 -4.32 -38.00 -17.74
N ALA B 150 -4.46 -37.55 -18.99
CA ALA B 150 -5.68 -36.86 -19.46
C ALA B 150 -6.90 -37.78 -19.47
N ILE B 151 -6.71 -39.00 -19.96
CA ILE B 151 -7.72 -40.05 -19.97
C ILE B 151 -7.11 -41.34 -19.41
N MET B 152 -7.77 -41.97 -18.44
CA MET B 152 -7.38 -43.31 -17.96
C MET B 152 -8.61 -44.13 -17.65
N ALA B 153 -8.43 -45.46 -17.63
CA ALA B 153 -9.50 -46.41 -17.34
C ALA B 153 -9.05 -47.44 -16.30
N ALA B 154 -9.99 -47.90 -15.47
CA ALA B 154 -9.69 -48.93 -14.48
C ALA B 154 -10.91 -49.80 -14.19
N SER B 155 -10.64 -50.89 -13.48
CA SER B 155 -11.66 -51.84 -13.09
C SER B 155 -11.86 -51.73 -11.60
N PRO B 156 -13.05 -52.13 -11.10
CA PRO B 156 -13.33 -51.95 -9.69
C PRO B 156 -12.44 -52.82 -8.81
N GLY B 157 -12.12 -52.30 -7.62
CA GLY B 157 -11.22 -52.97 -6.69
C GLY B 157 -9.81 -52.47 -6.83
N GLU B 158 -9.43 -52.11 -8.07
CA GLU B 158 -8.10 -51.62 -8.38
C GLU B 158 -7.84 -50.29 -7.72
N LYS B 159 -6.56 -50.05 -7.42
CA LYS B 159 -6.14 -48.73 -6.98
C LYS B 159 -6.11 -47.80 -8.18
N VAL B 160 -6.51 -46.55 -7.96
CA VAL B 160 -6.40 -45.49 -8.93
C VAL B 160 -5.72 -44.31 -8.27
N THR B 161 -4.68 -43.77 -8.90
CA THR B 161 -4.08 -42.52 -8.44
C THR B 161 -3.87 -41.61 -9.64
N MET B 162 -3.98 -40.30 -9.45
CA MET B 162 -3.74 -39.31 -10.52
C MET B 162 -2.95 -38.12 -9.98
N THR B 163 -2.36 -37.34 -10.88
CA THR B 163 -1.29 -36.42 -10.51
C THR B 163 -1.44 -35.02 -11.12
N CYS B 164 -1.06 -34.01 -10.35
CA CYS B 164 -1.10 -32.62 -10.79
C CYS B 164 0.19 -31.93 -10.38
N SER B 165 0.79 -31.23 -11.34
CA SER B 165 2.06 -30.55 -11.14
C SER B 165 1.87 -29.09 -11.51
N ALA B 166 2.57 -28.20 -10.80
CA ALA B 166 2.37 -26.76 -10.98
C ALA B 166 3.68 -26.10 -11.32
N SER B 167 3.66 -25.19 -12.29
CA SER B 167 4.88 -24.48 -12.70
C SER B 167 5.52 -23.73 -11.53
N SER B 168 4.73 -23.49 -10.50
CA SER B 168 5.22 -22.81 -9.34
C SER B 168 4.55 -23.33 -8.08
N SER B 169 5.23 -23.14 -6.97
CA SER B 169 4.79 -23.63 -5.66
C SER B 169 3.37 -23.18 -5.25
N VAL B 170 2.65 -24.08 -4.56
CA VAL B 170 1.30 -23.83 -4.04
C VAL B 170 1.17 -24.28 -2.59
N SER B 171 0.58 -23.44 -1.76
CA SER B 171 0.32 -23.83 -0.39
C SER B 171 -0.60 -25.05 -0.35
N SER B 172 -0.36 -25.92 0.61
CA SER B 172 -1.22 -27.06 0.82
C SER B 172 -2.61 -26.62 1.25
N GLY B 173 -2.75 -25.41 1.75
CA GLY B 173 -4.06 -24.83 2.03
C GLY B 173 -4.83 -24.41 0.79
N ASN B 174 -4.15 -24.20 -0.33
CA ASN B 174 -4.81 -23.71 -1.52
C ASN B 174 -4.77 -24.67 -2.69
N PHE B 175 -4.76 -25.97 -2.39
CA PHE B 175 -4.80 -27.00 -3.42
C PHE B 175 -6.00 -27.91 -3.25
N HIS B 176 -6.83 -27.99 -4.29
CA HIS B 176 -8.12 -28.64 -4.21
C HIS B 176 -8.39 -29.54 -5.42
N TRP B 177 -9.36 -30.44 -5.28
CA TRP B 177 -9.81 -31.29 -6.37
C TRP B 177 -11.34 -31.27 -6.54
N TYR B 178 -11.81 -31.35 -7.79
CA TYR B 178 -13.23 -31.42 -8.11
C TYR B 178 -13.53 -32.63 -8.97
N GLN B 179 -14.77 -33.10 -8.86
CA GLN B 179 -15.30 -34.15 -9.70
C GLN B 179 -16.41 -33.55 -10.53
N GLN B 180 -16.42 -33.87 -11.82
CA GLN B 180 -17.51 -33.49 -12.68
C GLN B 180 -17.96 -34.68 -13.51
N LYS B 181 -19.26 -34.93 -13.50
CA LYS B 181 -19.87 -35.87 -14.43
C LYS B 181 -20.61 -35.05 -15.49
N PRO B 182 -20.63 -35.54 -16.73
CA PRO B 182 -21.30 -34.82 -17.82
C PRO B 182 -22.71 -34.36 -17.44
N GLY B 183 -23.02 -33.12 -17.82
CA GLY B 183 -24.36 -32.56 -17.63
C GLY B 183 -24.57 -31.81 -16.32
N THR B 184 -23.59 -31.94 -15.40
CA THR B 184 -23.69 -31.35 -14.08
C THR B 184 -22.51 -30.44 -13.82
N SER B 185 -22.73 -29.50 -12.92
CA SER B 185 -21.69 -28.57 -12.57
C SER B 185 -20.59 -29.27 -11.74
N PRO B 186 -19.35 -28.77 -11.77
CA PRO B 186 -18.32 -29.37 -10.93
C PRO B 186 -18.68 -29.38 -9.45
N LYS B 187 -18.08 -30.31 -8.74
CA LYS B 187 -18.50 -30.67 -7.42
C LYS B 187 -17.26 -30.84 -6.57
N LEU B 188 -17.09 -29.94 -5.59
CA LEU B 188 -15.94 -29.98 -4.71
C LEU B 188 -15.77 -31.37 -4.11
N TRP B 189 -14.55 -31.89 -4.15
CA TRP B 189 -14.27 -33.27 -3.78
C TRP B 189 -13.26 -33.33 -2.62
N ILE B 190 -12.10 -32.76 -2.84
CA ILE B 190 -11.08 -32.65 -1.77
C ILE B 190 -10.66 -31.20 -1.65
N TYR B 191 -10.45 -30.73 -0.42
CA TYR B 191 -9.99 -29.37 -0.22
C TYR B 191 -8.80 -29.30 0.74
N ARG B 192 -7.94 -28.34 0.47
CA ARG B 192 -6.69 -28.13 1.17
C ARG B 192 -5.89 -29.41 1.24
N THR B 193 -5.68 -29.99 0.07
CA THR B 193 -4.85 -31.15 -0.16
C THR B 193 -5.51 -32.49 0.20
N SER B 194 -6.08 -32.61 1.40
CA SER B 194 -6.47 -33.92 1.94
C SER B 194 -7.78 -33.99 2.74
N ASN B 195 -8.60 -32.93 2.76
CA ASN B 195 -9.86 -33.00 3.49
C ASN B 195 -10.96 -33.44 2.52
N LEU B 196 -11.78 -34.39 2.92
CA LEU B 196 -12.86 -34.86 2.05
C LEU B 196 -14.05 -33.93 2.17
N ALA B 197 -14.58 -33.49 1.05
CA ALA B 197 -15.81 -32.70 1.05
C ALA B 197 -16.94 -33.55 1.60
N SER B 198 -18.06 -32.90 1.84
CA SER B 198 -19.21 -33.49 2.56
C SER B 198 -19.67 -34.87 2.08
N GLY B 199 -20.12 -34.95 0.82
CA GLY B 199 -20.68 -36.21 0.30
C GLY B 199 -19.68 -37.29 -0.11
N VAL B 200 -18.41 -37.16 0.29
CA VAL B 200 -17.32 -37.90 -0.37
C VAL B 200 -16.86 -39.08 0.49
N PRO B 201 -16.72 -40.27 -0.13
CA PRO B 201 -16.44 -41.50 0.64
C PRO B 201 -14.99 -41.68 1.01
N ALA B 202 -14.74 -42.41 2.10
CA ALA B 202 -13.40 -42.61 2.66
C ALA B 202 -12.36 -43.23 1.70
N ARG B 203 -12.83 -43.84 0.61
CA ARG B 203 -11.97 -44.51 -0.38
C ARG B 203 -11.02 -43.48 -0.97
N PHE B 204 -11.54 -42.27 -1.17
CA PHE B 204 -10.77 -41.16 -1.69
C PHE B 204 -9.79 -40.63 -0.64
N SER B 205 -8.64 -40.19 -1.12
CA SER B 205 -7.62 -39.55 -0.29
C SER B 205 -6.76 -38.71 -1.21
N GLY B 206 -6.44 -37.50 -0.75
CA GLY B 206 -5.49 -36.63 -1.43
C GLY B 206 -4.22 -36.45 -0.61
N SER B 207 -3.13 -36.14 -1.32
CA SER B 207 -1.87 -35.80 -0.70
C SER B 207 -1.07 -34.90 -1.61
N GLY B 208 0.10 -34.48 -1.14
CA GLY B 208 1.01 -33.65 -1.92
C GLY B 208 1.49 -32.42 -1.21
N SER B 209 2.47 -31.75 -1.83
CA SER B 209 3.17 -30.63 -1.22
C SER B 209 3.89 -29.82 -2.29
N GLY B 210 4.13 -28.55 -1.98
CA GLY B 210 4.87 -27.69 -2.87
C GLY B 210 4.31 -27.59 -4.27
N THR B 211 4.93 -28.36 -5.17
CA THR B 211 4.59 -28.32 -6.60
C THR B 211 4.02 -29.65 -7.14
N SER B 212 3.97 -30.68 -6.32
CA SER B 212 3.40 -31.96 -6.74
C SER B 212 2.31 -32.47 -5.80
N TYR B 213 1.17 -32.82 -6.40
CA TYR B 213 0.01 -33.29 -5.67
C TYR B 213 -0.63 -34.47 -6.39
N SER B 214 -1.43 -35.23 -5.66
CA SER B 214 -2.08 -36.40 -6.21
C SER B 214 -3.43 -36.64 -5.55
N LEU B 215 -4.30 -37.35 -6.26
CA LEU B 215 -5.55 -37.85 -5.74
C LEU B 215 -5.56 -39.38 -5.86
N THR B 216 -6.01 -40.08 -4.83
CA THR B 216 -5.93 -41.53 -4.78
C THR B 216 -7.26 -42.19 -4.33
N ILE B 217 -7.62 -43.28 -5.02
CA ILE B 217 -8.76 -44.14 -4.67
C ILE B 217 -8.26 -45.55 -4.35
N SER B 218 -8.34 -45.95 -3.09
CA SER B 218 -7.88 -47.27 -2.65
C SER B 218 -8.45 -48.38 -3.53
N SER B 219 -9.77 -48.40 -3.69
CA SER B 219 -10.44 -49.40 -4.52
C SER B 219 -11.50 -48.72 -5.39
N MET B 220 -11.23 -48.69 -6.70
CA MET B 220 -12.14 -48.14 -7.71
C MET B 220 -13.57 -48.66 -7.54
N GLU B 221 -14.54 -47.88 -8.01
CA GLU B 221 -15.95 -48.23 -7.94
C GLU B 221 -16.68 -47.70 -9.15
N ALA B 222 -17.86 -48.25 -9.44
CA ALA B 222 -18.64 -47.87 -10.61
C ALA B 222 -18.98 -46.38 -10.56
N GLU B 223 -19.55 -45.98 -9.43
CA GLU B 223 -19.80 -44.57 -9.04
C GLU B 223 -18.71 -43.56 -9.46
N ASP B 224 -17.45 -43.91 -9.25
CA ASP B 224 -16.34 -42.96 -9.27
C ASP B 224 -15.87 -42.50 -10.67
N ALA B 225 -16.56 -42.92 -11.74
CA ALA B 225 -16.12 -42.60 -13.10
C ALA B 225 -16.57 -41.21 -13.51
N ALA B 226 -15.61 -40.37 -13.89
CA ALA B 226 -15.85 -38.93 -14.06
C ALA B 226 -14.58 -38.19 -14.42
N THR B 227 -14.71 -36.90 -14.73
CA THR B 227 -13.57 -36.05 -15.02
C THR B 227 -13.15 -35.33 -13.73
N TYR B 228 -11.89 -35.49 -13.34
CA TYR B 228 -11.39 -34.87 -12.12
C TYR B 228 -10.45 -33.71 -12.44
N TYR B 229 -10.62 -32.58 -11.76
CA TYR B 229 -9.83 -31.40 -12.04
C TYR B 229 -9.09 -30.92 -10.78
N CYS B 230 -7.78 -30.70 -10.86
CA CYS B 230 -7.07 -30.04 -9.76
C CYS B 230 -7.25 -28.53 -9.87
N GLN B 231 -7.09 -27.84 -8.75
CA GLN B 231 -7.28 -26.38 -8.68
C GLN B 231 -6.32 -25.76 -7.67
N GLN B 232 -5.75 -24.61 -8.02
CA GLN B 232 -4.85 -23.90 -7.11
C GLN B 232 -5.14 -22.41 -7.05
N TRP B 233 -4.71 -21.78 -5.96
CA TRP B 233 -4.60 -20.33 -5.86
C TRP B 233 -3.22 -20.03 -5.22
N SER B 234 -2.53 -19.00 -5.70
CA SER B 234 -1.26 -18.58 -5.08
C SER B 234 -1.02 -17.14 -5.52
N GLY B 235 -1.92 -16.28 -5.10
CA GLY B 235 -2.23 -15.04 -5.82
C GLY B 235 -3.14 -15.40 -7.00
N TYR B 236 -3.86 -14.42 -7.52
CA TYR B 236 -4.70 -14.62 -8.70
C TYR B 236 -3.82 -14.84 -9.92
N PRO B 237 -4.34 -15.50 -10.96
CA PRO B 237 -5.70 -16.07 -11.00
C PRO B 237 -5.77 -17.47 -10.45
N TRP B 238 -6.96 -17.91 -10.05
CA TRP B 238 -7.22 -19.34 -9.85
C TRP B 238 -6.94 -20.05 -11.16
N THR B 239 -6.30 -21.22 -11.11
CA THR B 239 -6.16 -22.05 -12.31
C THR B 239 -6.63 -23.45 -12.02
N PHE B 240 -6.91 -24.17 -13.11
CA PHE B 240 -7.28 -25.58 -13.08
C PHE B 240 -6.40 -26.42 -13.97
N GLY B 241 -6.35 -27.72 -13.68
CA GLY B 241 -5.70 -28.66 -14.56
C GLY B 241 -6.60 -28.97 -15.74
N GLY B 242 -6.02 -29.57 -16.79
CA GLY B 242 -6.75 -29.90 -18.00
C GLY B 242 -7.75 -31.03 -17.82
N GLY B 243 -7.61 -31.74 -16.71
CA GLY B 243 -8.59 -32.71 -16.30
C GLY B 243 -8.08 -34.12 -16.44
N THR B 244 -8.62 -35.02 -15.61
CA THR B 244 -8.38 -36.46 -15.74
C THR B 244 -9.74 -37.17 -15.84
N LYS B 245 -9.95 -37.83 -16.97
CA LYS B 245 -11.19 -38.54 -17.27
C LYS B 245 -11.03 -40.03 -16.91
N LEU B 246 -11.82 -40.50 -15.94
CA LEU B 246 -11.77 -41.88 -15.44
C LEU B 246 -12.99 -42.69 -15.90
N GLU B 247 -12.79 -43.98 -16.24
CA GLU B 247 -13.82 -44.85 -16.87
C GLU B 247 -13.97 -46.22 -16.23
N ASP C 1 9.30 -18.28 20.05
CA ASP C 1 8.75 -16.96 20.42
C ASP C 1 8.21 -16.30 19.16
N TRP C 2 7.11 -15.55 19.27
CA TRP C 2 6.61 -14.75 18.15
C TRP C 2 7.57 -13.58 17.93
N VAL C 3 7.97 -13.33 16.69
CA VAL C 3 8.87 -12.20 16.41
C VAL C 3 8.36 -11.33 15.26
N VAL C 4 9.06 -10.26 14.92
CA VAL C 4 8.72 -9.50 13.70
C VAL C 4 9.29 -10.30 12.54
N ALA C 5 8.47 -10.55 11.53
CA ALA C 5 8.92 -11.27 10.37
C ALA C 5 9.93 -10.41 9.67
N PRO C 6 10.85 -11.04 8.94
CA PRO C 6 11.66 -10.24 8.04
C PRO C 6 10.78 -9.31 7.20
N ILE C 7 11.23 -8.08 7.05
CA ILE C 7 10.48 -7.10 6.29
C ILE C 7 11.03 -7.01 4.89
N SER C 8 10.20 -7.35 3.94
CA SER C 8 10.60 -7.37 2.56
C SER C 8 10.21 -6.04 1.88
N VAL C 9 11.18 -5.30 1.40
CA VAL C 9 10.99 -4.02 0.75
C VAL C 9 11.57 -3.99 -0.66
N PRO C 10 10.73 -3.78 -1.69
CA PRO C 10 11.29 -3.68 -3.05
C PRO C 10 12.18 -2.45 -3.20
N GLU C 11 13.33 -2.62 -3.82
CA GLU C 11 14.22 -1.50 -4.11
C GLU C 11 13.53 -0.46 -5.03
N ASN C 12 14.10 0.74 -5.09
CA ASN C 12 13.55 1.89 -5.82
C ASN C 12 12.13 2.39 -5.45
N GLY C 13 11.73 2.24 -4.19
CA GLY C 13 10.42 2.74 -3.76
C GLY C 13 10.21 4.23 -4.05
N LYS C 14 8.97 4.64 -4.24
CA LYS C 14 8.65 6.04 -4.46
C LYS C 14 8.09 6.71 -3.23
N GLY C 15 7.93 5.97 -2.15
CA GLY C 15 7.34 6.51 -0.95
C GLY C 15 5.84 6.52 -1.08
N PRO C 16 5.20 7.47 -0.41
CA PRO C 16 5.84 8.61 0.28
C PRO C 16 6.73 8.24 1.46
N PHE C 17 7.74 9.07 1.71
CA PHE C 17 8.69 8.82 2.78
C PHE C 17 8.59 9.90 3.81
N PRO C 18 8.68 9.57 5.09
CA PRO C 18 9.01 8.23 5.57
C PRO C 18 7.86 7.24 5.47
N GLN C 19 8.22 5.98 5.25
CA GLN C 19 7.27 4.92 4.99
C GLN C 19 7.21 3.97 6.18
N ARG C 20 6.01 3.71 6.67
CA ARG C 20 5.81 2.76 7.76
C ARG C 20 6.01 1.34 7.31
N LEU C 21 6.87 0.60 8.00
CA LEU C 21 7.19 -0.77 7.62
C LEU C 21 6.44 -1.72 8.55
N ASN C 22 6.60 -1.56 9.85
CA ASN C 22 6.01 -2.45 10.85
C ASN C 22 6.06 -1.78 12.20
N GLN C 23 5.15 -2.18 13.08
CA GLN C 23 4.98 -1.56 14.37
C GLN C 23 5.40 -2.47 15.52
N LEU C 24 6.42 -2.06 16.27
CA LEU C 24 6.87 -2.77 17.46
C LEU C 24 5.95 -2.46 18.62
N LYS C 25 5.79 -3.44 19.49
CA LYS C 25 4.99 -3.28 20.68
C LYS C 25 5.49 -4.24 21.75
N SER C 26 5.53 -3.76 22.99
CA SER C 26 5.74 -4.60 24.16
C SER C 26 4.47 -4.61 24.98
N ASN C 27 3.99 -5.77 25.40
CA ASN C 27 2.73 -5.84 26.15
C ASN C 27 2.85 -5.33 27.58
N LYS C 28 4.04 -4.92 27.98
CA LYS C 28 4.22 -4.21 29.22
C LYS C 28 3.73 -2.78 29.13
N ASP C 29 3.11 -2.40 28.02
CA ASP C 29 2.62 -1.01 27.86
C ASP C 29 1.25 -0.77 28.49
N ARG C 30 0.52 -1.83 28.79
CA ARG C 30 -0.74 -1.67 29.50
C ARG C 30 -0.53 -1.19 30.94
N ASP C 31 0.60 -1.57 31.53
CA ASP C 31 0.92 -1.21 32.92
C ASP C 31 1.74 0.08 33.00
N THR C 32 2.79 0.17 32.19
CA THR C 32 3.63 1.38 32.12
C THR C 32 3.78 1.97 30.70
N LYS C 33 4.16 3.23 30.62
CA LYS C 33 4.50 3.85 29.35
C LYS C 33 5.83 3.32 28.80
N ILE C 34 5.84 2.88 27.54
CA ILE C 34 7.05 2.33 26.93
C ILE C 34 7.56 3.15 25.73
N PHE C 35 8.88 3.17 25.62
CA PHE C 35 9.60 3.95 24.62
C PHE C 35 10.48 3.03 23.78
N TYR C 36 10.45 3.23 22.46
CA TYR C 36 11.11 2.32 21.52
C TYR C 36 12.26 3.02 20.83
N SER C 37 13.27 2.24 20.43
CA SER C 37 14.39 2.73 19.65
C SER C 37 14.88 1.63 18.73
N ILE C 38 15.69 1.99 17.72
CA ILE C 38 16.37 0.97 16.90
C ILE C 38 17.85 1.22 16.78
N THR C 39 18.62 0.15 16.67
CA THR C 39 20.05 0.26 16.39
C THR C 39 20.42 -0.61 15.24
N GLY C 40 21.64 -0.40 14.74
CA GLY C 40 22.16 -1.16 13.63
C GLY C 40 22.44 -0.28 12.43
N PRO C 41 23.22 -0.78 11.47
CA PRO C 41 23.56 -0.08 10.24
C PRO C 41 22.36 0.32 9.47
N GLY C 42 22.31 1.57 9.06
CA GLY C 42 21.09 2.13 8.49
C GLY C 42 20.29 2.95 9.47
N ALA C 43 20.41 2.66 10.76
CA ALA C 43 19.64 3.38 11.77
C ALA C 43 20.55 4.32 12.55
N ASP C 44 21.56 3.79 13.22
CA ASP C 44 22.43 4.66 13.99
C ASP C 44 23.87 4.46 13.62
N SER C 45 24.09 3.86 12.47
CA SER C 45 25.40 3.84 11.89
C SER C 45 25.24 3.72 10.38
N PRO C 46 26.29 3.88 9.62
CA PRO C 46 26.11 3.96 8.16
C PRO C 46 25.54 2.69 7.53
N PRO C 47 24.85 2.81 6.40
CA PRO C 47 24.50 4.07 5.76
C PRO C 47 23.55 4.96 6.57
N GLU C 48 23.71 6.25 6.37
CA GLU C 48 23.14 7.23 7.25
C GLU C 48 21.70 7.51 6.90
N GLY C 49 20.87 7.44 7.93
CA GLY C 49 19.52 7.97 7.84
C GLY C 49 18.55 7.15 7.04
N VAL C 50 18.77 5.86 6.94
CA VAL C 50 17.92 5.02 6.13
C VAL C 50 16.67 4.59 6.89
N PHE C 51 16.84 4.27 8.18
CA PHE C 51 15.73 3.85 9.06
C PHE C 51 15.61 4.65 10.34
N ALA C 52 14.39 4.66 10.88
CA ALA C 52 14.08 5.27 12.16
C ALA C 52 12.89 4.60 12.78
N VAL C 53 12.65 4.84 14.06
CA VAL C 53 11.43 4.32 14.70
C VAL C 53 10.79 5.48 15.39
N GLU C 54 9.46 5.50 15.42
CA GLU C 54 8.70 6.48 16.20
C GLU C 54 8.80 6.04 17.67
N LYS C 55 9.40 6.89 18.50
CA LYS C 55 9.66 6.58 19.91
C LYS C 55 8.45 6.09 20.74
N GLU C 56 7.30 6.71 20.57
CA GLU C 56 6.16 6.41 21.42
C GLU C 56 5.26 5.36 20.85
N THR C 57 5.11 5.33 19.53
CA THR C 57 4.22 4.38 18.87
C THR C 57 4.88 3.08 18.49
N GLY C 58 6.20 3.09 18.32
CA GLY C 58 6.95 1.91 17.91
C GLY C 58 6.97 1.63 16.41
N TRP C 59 6.49 2.57 15.59
CA TRP C 59 6.44 2.36 14.15
C TRP C 59 7.84 2.46 13.58
N LEU C 60 8.21 1.44 12.82
CA LEU C 60 9.50 1.39 12.18
C LEU C 60 9.36 2.06 10.83
N LEU C 61 10.32 2.90 10.46
CA LEU C 61 10.19 3.77 9.29
C LEU C 61 11.35 3.59 8.34
N LEU C 62 11.06 3.69 7.04
CA LEU C 62 12.09 3.79 6.00
C LEU C 62 12.04 5.18 5.44
N ASN C 63 13.18 5.84 5.44
CA ASN C 63 13.29 7.27 5.10
C ASN C 63 13.72 7.61 3.67
N LYS C 64 14.24 6.64 2.93
CA LYS C 64 14.78 6.83 1.53
C LYS C 64 14.61 5.55 0.68
N PRO C 65 14.67 5.69 -0.64
CA PRO C 65 14.68 4.50 -1.48
C PRO C 65 15.88 3.61 -1.23
N LEU C 66 15.71 2.31 -1.43
CA LEU C 66 16.79 1.36 -1.31
C LEU C 66 17.24 0.84 -2.68
N ASP C 67 18.46 0.34 -2.71
CA ASP C 67 19.06 -0.23 -3.89
C ASP C 67 19.66 -1.61 -3.60
N ARG C 68 19.02 -2.64 -4.12
CA ARG C 68 19.42 -4.00 -3.78
C ARG C 68 20.85 -4.27 -4.22
N GLU C 69 21.30 -3.64 -5.30
CA GLU C 69 22.62 -3.92 -5.88
C GLU C 69 23.77 -3.25 -5.08
N GLU C 70 23.41 -2.30 -4.21
CA GLU C 70 24.32 -1.75 -3.20
C GLU C 70 24.28 -2.57 -1.93
N ILE C 71 23.10 -2.71 -1.33
CA ILE C 71 22.92 -3.45 -0.07
C ILE C 71 21.61 -4.24 -0.08
N ALA C 72 21.73 -5.54 0.10
CA ALA C 72 20.64 -6.47 -0.07
C ALA C 72 19.85 -6.77 1.20
N LYS C 73 20.39 -6.40 2.35
CA LYS C 73 19.89 -6.87 3.62
C LYS C 73 20.33 -5.90 4.69
N TYR C 74 19.53 -5.70 5.72
CA TYR C 74 19.97 -4.97 6.90
C TYR C 74 19.58 -5.71 8.12
N GLU C 75 20.36 -5.55 9.16
CA GLU C 75 20.08 -6.25 10.40
C GLU C 75 20.02 -5.19 11.48
N LEU C 76 18.84 -5.02 12.07
CA LEU C 76 18.63 -4.00 13.06
C LEU C 76 18.20 -4.69 14.33
N PHE C 77 18.09 -3.90 15.37
CA PHE C 77 17.52 -4.36 16.61
C PHE C 77 16.55 -3.33 17.17
N GLY C 78 15.42 -3.82 17.64
CA GLY C 78 14.45 -2.97 18.30
C GLY C 78 14.58 -3.12 19.79
N HIS C 79 14.44 -2.01 20.52
CA HIS C 79 14.60 -2.00 21.96
C HIS C 79 13.40 -1.35 22.60
N ALA C 80 13.02 -1.80 23.80
CA ALA C 80 11.90 -1.20 24.54
C ALA C 80 12.34 -0.91 25.95
N VAL C 81 12.17 0.34 26.38
CA VAL C 81 12.60 0.78 27.70
C VAL C 81 11.44 1.52 28.35
N SER C 82 11.43 1.57 29.67
CA SER C 82 10.52 2.44 30.43
C SER C 82 11.09 3.86 30.54
N GLU C 83 10.34 4.77 31.14
CA GLU C 83 10.73 6.20 31.21
C GLU C 83 12.10 6.47 31.82
N ASN C 84 12.47 5.69 32.83
CA ASN C 84 13.79 5.77 33.47
C ASN C 84 14.93 5.10 32.70
N GLY C 85 14.62 4.57 31.51
CA GLY C 85 15.64 4.07 30.59
C GLY C 85 15.94 2.58 30.73
N ALA C 86 15.27 1.92 31.67
CA ALA C 86 15.49 0.49 31.92
C ALA C 86 14.84 -0.35 30.81
N SER C 87 15.65 -1.24 30.26
CA SER C 87 15.25 -2.30 29.37
C SER C 87 14.08 -3.12 29.91
N VAL C 88 13.05 -3.34 29.09
CA VAL C 88 11.94 -4.23 29.50
C VAL C 88 11.76 -5.43 28.58
N GLU C 89 12.64 -5.59 27.59
CA GLU C 89 12.62 -6.75 26.73
C GLU C 89 14.04 -7.06 26.29
N ASP C 90 14.30 -8.30 25.90
CA ASP C 90 15.47 -8.63 25.13
C ASP C 90 15.30 -7.92 23.79
N PRO C 91 16.39 -7.39 23.23
CA PRO C 91 16.24 -6.75 21.94
C PRO C 91 15.65 -7.71 20.93
N MET C 92 14.87 -7.17 20.00
CA MET C 92 14.25 -7.94 18.93
C MET C 92 15.05 -7.79 17.64
N ASN C 93 15.52 -8.87 17.06
CA ASN C 93 16.21 -8.76 15.79
C ASN C 93 15.21 -8.45 14.71
N ILE C 94 15.53 -7.47 13.88
CA ILE C 94 14.70 -7.07 12.78
C ILE C 94 15.53 -7.18 11.50
N SER C 95 15.10 -8.02 10.57
CA SER C 95 15.74 -8.13 9.27
C SER C 95 15.00 -7.33 8.23
N ILE C 96 15.74 -6.65 7.38
CA ILE C 96 15.13 -6.09 6.20
C ILE C 96 15.78 -6.70 4.97
N ILE C 97 14.95 -7.29 4.12
CA ILE C 97 15.35 -7.85 2.86
C ILE C 97 14.92 -6.88 1.76
N VAL C 98 15.87 -6.43 0.97
CA VAL C 98 15.60 -5.60 -0.18
C VAL C 98 15.37 -6.52 -1.38
N THR C 99 14.16 -6.53 -1.92
CA THR C 99 13.86 -7.43 -3.02
C THR C 99 14.14 -6.75 -4.36
N ASP C 100 14.48 -7.58 -5.35
CA ASP C 100 15.01 -7.06 -6.59
C ASP C 100 13.93 -6.50 -7.47
N GLN C 101 14.23 -5.40 -8.12
CA GLN C 101 13.45 -4.99 -9.25
C GLN C 101 14.37 -5.15 -10.43
N ASN C 102 13.74 -5.22 -11.57
CA ASN C 102 14.41 -5.39 -12.84
C ASN C 102 14.88 -4.04 -13.36
N ASP C 103 15.85 -3.44 -12.67
CA ASP C 103 16.39 -2.15 -13.07
C ASP C 103 17.66 -2.24 -13.91
N HIS C 104 18.05 -3.44 -14.34
CA HIS C 104 19.10 -3.60 -15.35
C HIS C 104 18.64 -4.36 -16.59
N LYS C 105 19.03 -3.83 -17.75
CA LYS C 105 18.82 -4.49 -19.04
C LYS C 105 19.98 -5.44 -19.36
N PRO C 106 19.72 -6.51 -20.14
CA PRO C 106 20.80 -7.39 -20.54
C PRO C 106 21.72 -6.74 -21.55
N LYS C 107 22.98 -7.12 -21.48
CA LYS C 107 24.01 -6.57 -22.34
C LYS C 107 24.88 -7.70 -22.85
N PHE C 108 24.98 -7.81 -24.17
CA PHE C 108 25.89 -8.76 -24.79
C PHE C 108 27.33 -8.34 -24.46
N THR C 109 28.20 -9.34 -24.33
CA THR C 109 29.60 -9.06 -24.03
C THR C 109 30.30 -8.32 -25.20
N GLN C 110 29.82 -8.49 -26.43
CA GLN C 110 30.34 -7.76 -27.59
C GLN C 110 29.20 -7.53 -28.57
N ASP C 111 29.32 -6.54 -29.45
CA ASP C 111 28.21 -6.27 -30.34
C ASP C 111 28.18 -7.18 -31.59
N THR C 112 29.33 -7.70 -32.02
CA THR C 112 29.34 -8.70 -33.08
C THR C 112 30.13 -9.93 -32.65
N PHE C 113 29.53 -11.11 -32.82
CA PHE C 113 30.18 -12.37 -32.53
C PHE C 113 30.47 -13.03 -33.86
N ARG C 114 31.61 -13.72 -33.96
CA ARG C 114 32.01 -14.45 -35.18
C ARG C 114 32.27 -15.90 -34.89
N GLY C 115 31.89 -16.75 -35.83
CA GLY C 115 32.26 -18.14 -35.73
C GLY C 115 32.43 -18.75 -37.09
N SER C 116 32.80 -20.01 -37.11
CA SER C 116 33.08 -20.68 -38.34
C SER C 116 32.68 -22.14 -38.26
N VAL C 117 32.22 -22.70 -39.37
CA VAL C 117 31.86 -24.11 -39.43
C VAL C 117 32.08 -24.69 -40.85
N LEU C 118 32.42 -25.97 -40.89
CA LEU C 118 32.64 -26.72 -42.11
C LEU C 118 31.35 -27.04 -42.81
N GLU C 119 31.34 -26.82 -44.12
CA GLU C 119 30.19 -27.15 -44.97
C GLU C 119 29.61 -28.56 -44.76
N GLY C 120 30.45 -29.54 -44.49
CA GLY C 120 29.95 -30.91 -44.38
C GLY C 120 29.04 -31.24 -43.20
N VAL C 121 29.13 -30.51 -42.10
CA VAL C 121 28.72 -31.06 -40.81
C VAL C 121 27.27 -31.50 -40.72
N LEU C 122 27.02 -32.48 -39.86
CA LEU C 122 25.67 -32.99 -39.59
C LEU C 122 24.90 -32.04 -38.69
N PRO C 123 23.58 -32.03 -38.82
CA PRO C 123 22.71 -31.42 -37.82
C PRO C 123 23.14 -31.82 -36.42
N GLY C 124 23.06 -30.87 -35.50
CA GLY C 124 23.45 -31.12 -34.11
C GLY C 124 24.83 -30.56 -33.81
N THR C 125 25.62 -30.34 -34.86
CA THR C 125 26.96 -29.81 -34.70
C THR C 125 26.96 -28.38 -34.09
N SER C 126 27.62 -28.25 -32.95
CA SER C 126 27.91 -26.95 -32.30
C SER C 126 28.82 -26.06 -33.20
N VAL C 127 28.52 -24.77 -33.25
CA VAL C 127 29.24 -23.83 -34.10
C VAL C 127 29.96 -22.75 -33.27
N MET C 128 29.22 -22.12 -32.37
CA MET C 128 29.73 -21.00 -31.58
C MET C 128 28.80 -20.75 -30.40
N GLN C 129 29.20 -19.83 -29.54
CA GLN C 129 28.40 -19.45 -28.38
C GLN C 129 28.38 -17.96 -28.24
N VAL C 130 27.23 -17.39 -27.88
CA VAL C 130 27.14 -15.96 -27.58
C VAL C 130 26.73 -15.78 -26.13
N THR C 131 27.02 -14.62 -25.56
CA THR C 131 26.78 -14.36 -24.14
C THR C 131 26.27 -12.95 -23.85
N ALA C 132 25.30 -12.88 -22.94
CA ALA C 132 24.84 -11.62 -22.42
C ALA C 132 24.75 -11.71 -20.89
N THR C 133 25.08 -10.60 -20.23
CA THR C 133 25.02 -10.51 -18.79
C THR C 133 23.89 -9.58 -18.36
N ASP C 134 23.48 -9.71 -17.10
CA ASP C 134 22.44 -8.89 -16.57
C ASP C 134 22.66 -8.78 -15.07
N GLU C 135 22.77 -7.57 -14.59
CA GLU C 135 23.23 -7.32 -13.24
C GLU C 135 22.17 -7.54 -12.16
N ASP C 136 20.93 -7.89 -12.54
CA ASP C 136 19.88 -8.16 -11.57
C ASP C 136 20.04 -9.54 -10.95
N ASP C 137 19.13 -9.85 -10.04
CA ASP C 137 19.19 -11.08 -9.28
C ASP C 137 18.77 -12.25 -10.14
N ALA C 138 19.61 -13.28 -10.20
CA ALA C 138 19.32 -14.46 -10.97
C ALA C 138 19.05 -15.70 -10.11
N ILE C 139 18.96 -15.55 -8.79
CA ILE C 139 18.71 -16.68 -7.87
C ILE C 139 17.24 -16.74 -7.41
N TYR C 140 16.77 -15.67 -6.79
CA TYR C 140 15.41 -15.62 -6.24
C TYR C 140 14.40 -15.20 -7.31
N THR C 141 14.84 -14.39 -8.29
CA THR C 141 14.00 -14.03 -9.44
C THR C 141 14.63 -14.45 -10.76
N TYR C 142 13.93 -14.11 -11.84
CA TYR C 142 14.41 -14.27 -13.19
C TYR C 142 14.90 -12.95 -13.79
N ASN C 143 15.01 -11.91 -12.99
CA ASN C 143 15.30 -10.59 -13.55
C ASN C 143 16.67 -10.54 -14.18
N GLY C 144 17.53 -11.45 -13.76
CA GLY C 144 18.91 -11.51 -14.24
C GLY C 144 19.19 -12.74 -15.06
N VAL C 145 18.14 -13.49 -15.35
CA VAL C 145 18.23 -14.71 -16.12
C VAL C 145 17.81 -14.40 -17.55
N VAL C 146 18.77 -14.62 -18.46
CA VAL C 146 18.66 -14.28 -19.88
C VAL C 146 18.26 -15.50 -20.72
N ALA C 147 17.32 -15.30 -21.64
CA ALA C 147 16.94 -16.32 -22.62
C ALA C 147 17.33 -15.85 -24.00
N TYR C 148 17.87 -16.75 -24.83
CA TYR C 148 18.42 -16.40 -26.12
C TYR C 148 17.55 -16.93 -27.21
N SER C 149 17.49 -16.22 -28.31
CA SER C 149 16.78 -16.73 -29.50
C SER C 149 17.36 -16.13 -30.75
N ILE C 150 17.01 -16.74 -31.89
CA ILE C 150 17.43 -16.24 -33.18
C ILE C 150 16.25 -15.52 -33.77
N HIS C 151 16.36 -14.19 -33.85
CA HIS C 151 15.30 -13.40 -34.42
C HIS C 151 15.23 -13.66 -35.91
N SER C 152 16.37 -13.80 -36.59
CA SER C 152 16.38 -14.00 -38.05
C SER C 152 17.73 -14.35 -38.62
N GLN C 153 17.73 -14.85 -39.85
CA GLN C 153 18.92 -15.34 -40.52
C GLN C 153 18.98 -14.72 -41.89
N GLU C 154 20.17 -14.30 -42.33
CA GLU C 154 20.32 -13.78 -43.70
C GLU C 154 21.59 -14.32 -44.34
N PRO C 155 21.54 -14.73 -45.62
CA PRO C 155 20.31 -14.90 -46.38
C PRO C 155 19.57 -16.19 -46.00
N LYS C 156 18.39 -16.41 -46.57
CA LYS C 156 17.57 -17.61 -46.28
C LYS C 156 17.78 -18.71 -47.31
N ASP C 157 19.04 -18.92 -47.69
CA ASP C 157 19.41 -19.85 -48.72
C ASP C 157 20.30 -20.90 -48.02
N PRO C 158 20.01 -22.21 -48.16
CA PRO C 158 18.93 -22.74 -48.98
C PRO C 158 17.54 -22.54 -48.40
N HIS C 159 17.43 -22.46 -47.07
CA HIS C 159 16.16 -22.10 -46.43
C HIS C 159 16.42 -21.46 -45.08
N ASP C 160 15.35 -21.11 -44.36
CA ASP C 160 15.48 -20.37 -43.15
C ASP C 160 15.81 -21.44 -42.06
N LEU C 161 16.07 -21.07 -40.80
CA LEU C 161 16.32 -22.06 -39.72
C LEU C 161 17.36 -23.15 -40.07
N MET C 162 18.44 -22.71 -40.68
CA MET C 162 19.66 -23.49 -40.77
C MET C 162 20.23 -23.75 -39.36
N PHE C 163 19.99 -22.82 -38.45
CA PHE C 163 20.59 -22.83 -37.13
C PHE C 163 19.55 -22.74 -36.08
N THR C 164 19.96 -23.13 -34.88
CA THR C 164 19.15 -22.99 -33.70
C THR C 164 20.06 -22.43 -32.61
N ILE C 165 19.47 -22.01 -31.52
CA ILE C 165 20.26 -21.56 -30.41
C ILE C 165 19.64 -22.07 -29.14
N HIS C 166 20.48 -22.56 -28.25
CA HIS C 166 19.99 -23.06 -26.97
C HIS C 166 19.60 -21.87 -26.10
N ARG C 167 18.38 -21.89 -25.60
CA ARG C 167 17.80 -20.70 -24.98
C ARG C 167 18.45 -20.27 -23.65
N SER C 168 19.16 -21.19 -22.99
CA SER C 168 19.96 -20.86 -21.81
C SER C 168 21.45 -20.75 -22.04
N THR C 169 22.06 -21.62 -22.84
CA THR C 169 23.53 -21.63 -22.93
C THR C 169 24.05 -20.61 -23.91
N GLY C 170 23.22 -20.28 -24.91
CA GLY C 170 23.63 -19.38 -25.97
C GLY C 170 24.46 -20.09 -27.03
N THR C 171 24.54 -21.42 -26.94
CA THR C 171 25.26 -22.19 -27.92
C THR C 171 24.44 -22.26 -29.23
N ILE C 172 25.06 -21.84 -30.33
CA ILE C 172 24.43 -21.90 -31.66
C ILE C 172 24.85 -23.20 -32.35
N SER C 173 23.86 -23.89 -32.92
CA SER C 173 24.11 -25.19 -33.51
C SER C 173 23.50 -25.27 -34.90
N VAL C 174 24.07 -26.11 -35.75
CA VAL C 174 23.50 -26.39 -37.07
C VAL C 174 22.38 -27.42 -36.92
N ILE C 175 21.25 -27.19 -37.58
CA ILE C 175 20.10 -28.10 -37.47
C ILE C 175 19.54 -28.55 -38.81
N SER C 176 20.25 -28.25 -39.88
CA SER C 176 19.92 -28.83 -41.16
C SER C 176 21.16 -28.96 -42.04
N SER C 177 21.09 -29.89 -42.98
CA SER C 177 21.90 -29.81 -44.17
C SER C 177 21.16 -28.80 -45.07
N GLY C 178 21.74 -28.26 -46.15
CA GLY C 178 23.12 -28.41 -46.57
C GLY C 178 23.78 -27.07 -46.85
N LEU C 179 24.87 -26.87 -46.15
CA LEU C 179 25.69 -25.67 -46.26
C LEU C 179 26.69 -25.89 -47.40
N ASP C 180 26.93 -24.89 -48.24
CA ASP C 180 28.04 -24.98 -49.18
C ASP C 180 28.73 -23.63 -49.30
N ARG C 181 30.03 -23.61 -48.98
CA ARG C 181 30.84 -22.41 -49.03
C ARG C 181 30.68 -21.63 -50.32
N GLU C 182 30.83 -22.32 -51.45
CA GLU C 182 30.75 -21.70 -52.76
C GLU C 182 29.38 -21.06 -52.99
N LYS C 183 28.33 -21.72 -52.49
CA LYS C 183 26.94 -21.26 -52.65
C LYS C 183 26.64 -20.04 -51.72
N VAL C 184 26.63 -20.26 -50.40
CA VAL C 184 26.46 -19.17 -49.40
C VAL C 184 27.65 -19.24 -48.44
N PRO C 185 28.62 -18.31 -48.59
CA PRO C 185 29.78 -18.35 -47.70
C PRO C 185 29.55 -17.79 -46.28
N GLU C 186 28.43 -17.09 -46.04
CA GLU C 186 28.27 -16.38 -44.75
C GLU C 186 26.82 -16.10 -44.36
N TYR C 187 26.47 -16.47 -43.14
CA TYR C 187 25.17 -16.16 -42.60
C TYR C 187 25.28 -15.11 -41.55
N THR C 188 24.28 -14.26 -41.49
CA THR C 188 24.19 -13.24 -40.49
C THR C 188 22.94 -13.51 -39.67
N LEU C 189 23.14 -13.67 -38.38
CA LEU C 189 22.07 -14.06 -37.50
C LEU C 189 21.88 -12.93 -36.55
N THR C 190 20.65 -12.48 -36.41
CA THR C 190 20.34 -11.47 -35.43
C THR C 190 19.93 -12.28 -34.23
N ILE C 191 20.60 -12.05 -33.11
CA ILE C 191 20.37 -12.80 -31.91
C ILE C 191 19.84 -11.86 -30.87
N GLN C 192 18.99 -12.38 -29.99
CA GLN C 192 18.36 -11.59 -28.94
C GLN C 192 18.56 -12.21 -27.59
N ALA C 193 18.68 -11.35 -26.59
CA ALA C 193 18.81 -11.75 -25.21
C ALA C 193 17.74 -11.02 -24.43
N THR C 194 16.90 -11.79 -23.78
CA THR C 194 15.73 -11.27 -23.10
C THR C 194 15.75 -11.69 -21.65
N ASP C 195 15.69 -10.72 -20.72
CA ASP C 195 15.73 -11.08 -19.30
C ASP C 195 14.36 -11.60 -18.83
N MET C 196 14.22 -11.85 -17.51
CA MET C 196 13.03 -12.54 -16.98
C MET C 196 12.79 -13.84 -17.74
N ASP C 197 13.89 -14.51 -18.06
CA ASP C 197 13.87 -15.76 -18.81
C ASP C 197 12.90 -15.77 -20.02
N GLY C 198 12.94 -14.71 -20.82
CA GLY C 198 12.10 -14.60 -22.01
C GLY C 198 10.92 -13.65 -21.89
N ASP C 199 10.52 -13.33 -20.66
CA ASP C 199 9.34 -12.47 -20.42
C ASP C 199 9.64 -10.95 -20.35
N GLY C 200 10.92 -10.58 -20.27
CA GLY C 200 11.29 -9.18 -20.04
C GLY C 200 11.79 -8.36 -21.22
N SER C 201 12.80 -7.54 -20.95
CA SER C 201 13.41 -6.61 -21.92
C SER C 201 14.45 -7.32 -22.81
N THR C 202 14.65 -6.79 -24.02
CA THR C 202 15.46 -7.44 -25.06
C THR C 202 16.61 -6.55 -25.53
N THR C 203 17.76 -7.17 -25.75
CA THR C 203 18.91 -6.53 -26.40
C THR C 203 19.32 -7.40 -27.60
N THR C 204 19.86 -6.76 -28.62
CA THR C 204 20.09 -7.41 -29.90
C THR C 204 21.57 -7.35 -30.20
N ALA C 205 22.11 -8.44 -30.75
CA ALA C 205 23.44 -8.40 -31.30
C ALA C 205 23.50 -9.26 -32.56
N VAL C 206 24.63 -9.22 -33.26
CA VAL C 206 24.81 -10.00 -34.47
C VAL C 206 25.78 -11.16 -34.25
N ALA C 207 25.51 -12.27 -34.92
CA ALA C 207 26.44 -13.40 -35.00
C ALA C 207 26.66 -13.76 -36.46
N VAL C 208 27.91 -13.61 -36.90
CA VAL C 208 28.30 -13.96 -38.27
C VAL C 208 28.94 -15.35 -38.28
N VAL C 209 28.43 -16.23 -39.15
CA VAL C 209 28.96 -17.58 -39.29
C VAL C 209 29.59 -17.75 -40.67
N GLU C 210 30.91 -17.94 -40.73
CA GLU C 210 31.53 -18.19 -42.04
C GLU C 210 31.54 -19.69 -42.31
N ILE C 211 31.28 -20.06 -43.56
CA ILE C 211 31.27 -21.46 -43.97
C ILE C 211 32.62 -21.79 -44.60
N LEU C 212 33.25 -22.85 -44.14
CA LEU C 212 34.63 -23.13 -44.55
C LEU C 212 34.76 -24.44 -45.31
N ASP C 213 35.94 -24.63 -45.91
CA ASP C 213 36.30 -25.84 -46.66
C ASP C 213 37.01 -26.78 -45.71
N GLN D 1 34.26 17.35 5.63
CA GLN D 1 33.25 18.13 6.40
C GLN D 1 32.03 18.43 5.50
N VAL D 2 30.83 18.30 6.06
CA VAL D 2 29.62 18.55 5.30
C VAL D 2 29.42 20.04 5.16
N GLN D 3 29.32 20.50 3.92
CA GLN D 3 29.18 21.92 3.61
C GLN D 3 28.17 22.15 2.53
N LEU D 4 27.41 23.23 2.68
CA LEU D 4 26.45 23.63 1.70
C LEU D 4 26.76 25.06 1.40
N GLN D 5 27.05 25.34 0.14
CA GLN D 5 27.44 26.67 -0.27
C GLN D 5 26.34 27.30 -1.11
N GLN D 6 25.86 28.47 -0.71
CA GLN D 6 24.90 29.24 -1.48
C GLN D 6 25.50 30.61 -1.86
N PRO D 7 25.43 30.97 -3.16
CA PRO D 7 25.85 32.33 -3.52
C PRO D 7 24.79 33.34 -3.10
N LEU D 11 18.97 39.73 -7.08
CA LEU D 11 18.27 41.00 -7.22
C LEU D 11 17.41 41.00 -8.47
N VAL D 12 16.10 40.92 -8.29
CA VAL D 12 15.19 40.74 -9.41
C VAL D 12 13.89 41.52 -9.24
N LYS D 13 13.19 41.71 -10.36
CA LYS D 13 11.95 42.48 -10.38
C LYS D 13 10.70 41.58 -10.35
N PRO D 14 9.56 42.13 -9.87
CA PRO D 14 8.33 41.35 -9.65
C PRO D 14 7.82 40.63 -10.91
N GLY D 15 7.44 39.36 -10.76
CA GLY D 15 6.92 38.57 -11.89
C GLY D 15 7.94 37.66 -12.59
N ALA D 16 9.24 37.96 -12.45
CA ALA D 16 10.31 37.11 -13.01
C ALA D 16 10.48 35.88 -12.14
N SER D 17 11.30 34.96 -12.61
CA SER D 17 11.66 33.79 -11.82
C SER D 17 13.14 33.86 -11.48
N VAL D 18 13.56 33.12 -10.46
CA VAL D 18 14.96 33.04 -10.10
C VAL D 18 15.31 31.64 -9.59
N LYS D 19 16.51 31.19 -9.91
CA LYS D 19 16.98 29.88 -9.49
C LYS D 19 18.10 30.02 -8.47
N LEU D 20 17.88 29.46 -7.29
CA LEU D 20 18.88 29.48 -6.22
C LEU D 20 19.63 28.17 -6.21
N SER D 21 20.92 28.24 -5.94
CA SER D 21 21.75 27.05 -5.94
C SER D 21 22.29 26.77 -4.55
N CYS D 22 22.55 25.49 -4.30
CA CYS D 22 23.07 24.99 -3.06
C CYS D 22 24.07 23.92 -3.46
N LYS D 23 25.35 24.25 -3.33
CA LYS D 23 26.42 23.36 -3.76
C LYS D 23 26.88 22.51 -2.58
N ALA D 24 26.86 21.19 -2.75
CA ALA D 24 27.14 20.25 -1.66
C ALA D 24 28.50 19.57 -1.80
N SER D 25 29.19 19.42 -0.67
CA SER D 25 30.45 18.66 -0.64
C SER D 25 30.66 17.98 0.72
N GLY D 26 31.60 17.03 0.77
CA GLY D 26 31.99 16.35 2.00
C GLY D 26 31.29 15.02 2.21
N TYR D 27 30.41 14.66 1.29
CA TYR D 27 29.63 13.42 1.39
C TYR D 27 29.05 13.05 0.04
N THR D 28 28.52 11.84 -0.06
CA THR D 28 27.87 11.38 -1.29
C THR D 28 26.52 12.10 -1.52
N PHE D 29 26.44 12.92 -2.57
CA PHE D 29 25.33 13.85 -2.78
C PHE D 29 23.99 13.18 -2.95
N THR D 30 23.99 12.04 -3.64
CA THR D 30 22.76 11.41 -4.09
C THR D 30 21.95 10.80 -2.96
N ARG D 31 22.54 10.58 -1.80
CA ARG D 31 21.82 9.81 -0.83
C ARG D 31 21.36 10.54 0.42
N TYR D 32 21.21 11.85 0.33
CA TYR D 32 20.81 12.66 1.48
C TYR D 32 19.81 13.71 1.10
N TRP D 33 18.72 13.77 1.86
CA TRP D 33 17.67 14.77 1.66
C TRP D 33 18.22 16.19 1.86
N ILE D 34 17.88 17.07 0.94
CA ILE D 34 18.12 18.51 1.13
C ILE D 34 16.82 19.29 1.30
N ASN D 35 16.77 20.10 2.35
CA ASN D 35 15.60 20.91 2.69
C ASN D 35 15.84 22.39 2.39
N TRP D 36 14.76 23.12 2.07
CA TRP D 36 14.80 24.58 1.84
C TRP D 36 13.90 25.30 2.82
N VAL D 37 14.33 26.50 3.21
CA VAL D 37 13.72 27.26 4.30
C VAL D 37 13.71 28.76 3.98
N LYS D 38 12.59 29.41 4.26
CA LYS D 38 12.41 30.85 4.00
C LYS D 38 12.47 31.61 5.33
N GLN D 39 13.07 32.80 5.31
CA GLN D 39 13.02 33.69 6.47
C GLN D 39 12.76 35.14 6.08
N ARG D 40 11.81 35.79 6.77
CA ARG D 40 11.62 37.24 6.66
C ARG D 40 11.62 37.88 8.06
N PRO D 41 11.93 39.18 8.11
CA PRO D 41 11.97 39.94 9.37
C PRO D 41 10.81 39.65 10.32
N GLY D 44 9.22 35.18 10.54
CA GLY D 44 9.83 33.97 11.10
C GLY D 44 10.38 32.99 10.08
N LEU D 45 10.62 31.76 10.52
CA LEU D 45 11.14 30.67 9.65
C LEU D 45 10.06 29.73 9.08
N GLU D 46 10.16 29.40 7.79
CA GLU D 46 9.22 28.49 7.13
C GLU D 46 9.93 27.37 6.33
N TRP D 47 9.43 26.13 6.42
CA TRP D 47 9.92 25.00 5.60
C TRP D 47 9.22 24.95 4.25
N ILE D 48 10.00 25.05 3.17
CA ILE D 48 9.45 25.08 1.83
C ILE D 48 9.24 23.67 1.32
N GLY D 49 10.30 22.87 1.36
CA GLY D 49 10.21 21.48 0.96
C GLY D 49 11.57 20.82 0.94
N ASN D 50 11.63 19.56 0.51
CA ASN D 50 12.90 18.87 0.43
C ASN D 50 12.91 17.95 -0.76
N ILE D 51 14.09 17.41 -1.06
CA ILE D 51 14.28 16.58 -2.24
C ILE D 51 15.35 15.53 -1.93
N TYR D 52 15.13 14.31 -2.42
CA TYR D 52 16.10 13.22 -2.34
C TYR D 52 16.76 13.13 -3.71
N PRO D 53 18.02 13.61 -3.84
CA PRO D 53 18.64 13.78 -5.14
C PRO D 53 18.73 12.54 -6.03
N GLY D 54 19.11 11.40 -5.46
CA GLY D 54 19.29 10.17 -6.25
C GLY D 54 18.09 9.72 -7.10
N SER D 55 16.89 9.97 -6.60
CA SER D 55 15.63 9.59 -7.27
C SER D 55 14.78 10.78 -7.64
N ASN D 56 15.20 11.99 -7.29
CA ASN D 56 14.41 13.16 -7.61
C ASN D 56 12.98 13.07 -7.04
N ILE D 57 12.91 12.73 -5.78
CA ILE D 57 11.65 12.64 -5.04
C ILE D 57 11.56 13.87 -4.17
N THR D 58 10.37 14.45 -4.05
CA THR D 58 10.19 15.66 -3.27
C THR D 58 9.10 15.52 -2.27
N ASN D 59 9.18 16.34 -1.22
CA ASN D 59 8.03 16.65 -0.39
C ASN D 59 7.90 18.16 -0.39
N TYR D 60 6.70 18.69 -0.61
CA TYR D 60 6.44 20.12 -0.55
C TYR D 60 5.47 20.51 0.57
N ASN D 61 5.73 21.68 1.15
CA ASN D 61 4.74 22.34 1.97
C ASN D 61 3.65 22.85 1.01
N GLU D 62 2.39 22.55 1.30
CA GLU D 62 1.25 22.97 0.45
C GLU D 62 1.32 24.48 0.14
N LYS D 63 1.80 25.26 1.11
CA LYS D 63 1.91 26.72 0.97
C LYS D 63 2.82 27.18 -0.20
N PHE D 64 3.88 26.44 -0.50
CA PHE D 64 4.79 26.83 -1.59
C PHE D 64 4.69 25.95 -2.83
N LYS D 65 3.72 25.04 -2.82
CA LYS D 65 3.46 24.14 -3.95
C LYS D 65 3.53 24.85 -5.29
N ASN D 66 2.95 26.06 -5.39
CA ASN D 66 2.88 26.85 -6.63
C ASN D 66 4.01 27.87 -6.87
N LYS D 67 4.71 28.30 -5.81
CA LYS D 67 5.91 29.16 -5.95
C LYS D 67 7.16 28.33 -6.29
N ALA D 68 7.41 27.29 -5.50
CA ALA D 68 8.70 26.61 -5.50
C ALA D 68 8.74 25.30 -6.25
N THR D 69 9.81 25.11 -7.03
CA THR D 69 10.15 23.85 -7.66
C THR D 69 11.59 23.51 -7.33
N LEU D 70 11.80 22.29 -6.83
CA LEU D 70 13.09 21.83 -6.39
C LEU D 70 13.65 20.86 -7.41
N THR D 71 14.87 21.11 -7.83
CA THR D 71 15.57 20.17 -8.71
C THR D 71 16.95 19.86 -8.15
N VAL D 72 17.65 18.97 -8.84
CA VAL D 72 19.05 18.69 -8.56
C VAL D 72 19.84 18.50 -9.88
N ASP D 73 21.15 18.73 -9.82
CA ASP D 73 22.03 18.30 -10.90
C ASP D 73 23.08 17.42 -10.24
N THR D 74 22.78 16.14 -10.27
CA THR D 74 23.67 15.08 -9.85
C THR D 74 25.10 15.24 -10.34
N SER D 75 25.31 15.52 -11.62
CA SER D 75 26.67 15.73 -12.16
C SER D 75 27.51 16.74 -11.38
N SER D 76 26.87 17.79 -10.86
CA SER D 76 27.61 18.84 -10.16
C SER D 76 27.29 18.94 -8.67
N ASN D 77 26.69 17.90 -8.09
CA ASN D 77 26.34 17.89 -6.68
C ASN D 77 25.61 19.15 -6.22
N THR D 78 24.69 19.63 -7.04
CA THR D 78 23.98 20.89 -6.77
C THR D 78 22.49 20.70 -6.75
N ALA D 79 21.87 21.22 -5.69
CA ALA D 79 20.44 21.32 -5.56
C ALA D 79 19.99 22.68 -5.99
N TYR D 80 18.81 22.78 -6.58
CA TYR D 80 18.29 24.08 -7.00
C TYR D 80 16.90 24.23 -6.49
N MET D 81 16.53 25.48 -6.27
CA MET D 81 15.14 25.82 -6.04
C MET D 81 14.79 26.99 -6.95
N GLN D 82 13.79 26.77 -7.80
CA GLN D 82 13.27 27.83 -8.67
C GLN D 82 12.09 28.48 -7.97
N LEU D 83 12.12 29.82 -7.86
CA LEU D 83 10.96 30.61 -7.36
C LEU D 83 10.31 31.33 -8.52
N SER D 84 9.00 31.15 -8.68
CA SER D 84 8.30 31.71 -9.85
C SER D 84 7.47 32.96 -9.50
N SER D 85 7.28 33.82 -10.50
CA SER D 85 6.34 34.95 -10.42
C SER D 85 6.46 35.76 -9.12
N LEU D 86 7.65 36.30 -8.89
CA LEU D 86 8.00 36.94 -7.62
C LEU D 86 7.09 38.14 -7.24
N THR D 87 6.77 38.25 -5.95
CA THR D 87 6.20 39.48 -5.35
C THR D 87 7.13 39.97 -4.25
N SER D 88 6.76 41.08 -3.61
CA SER D 88 7.49 41.61 -2.46
C SER D 88 7.47 40.62 -1.31
N ASP D 89 6.40 39.82 -1.22
CA ASP D 89 6.27 38.79 -0.18
C ASP D 89 7.36 37.73 -0.26
N ASP D 90 7.86 37.47 -1.47
CA ASP D 90 8.92 36.50 -1.66
C ASP D 90 10.28 37.02 -1.21
N SER D 91 10.44 38.34 -1.10
CA SER D 91 11.73 38.87 -0.65
C SER D 91 12.02 38.38 0.79
N ALA D 92 13.13 37.67 0.93
CA ALA D 92 13.42 36.91 2.14
C ALA D 92 14.86 36.38 2.10
N VAL D 93 15.26 35.67 3.16
CA VAL D 93 16.46 34.83 3.09
C VAL D 93 16.08 33.36 2.91
N TYR D 94 16.78 32.68 2.00
CA TYR D 94 16.50 31.30 1.67
C TYR D 94 17.69 30.44 2.02
N TYR D 95 17.47 29.46 2.89
CA TYR D 95 18.55 28.56 3.35
C TYR D 95 18.36 27.19 2.73
N CYS D 96 19.45 26.51 2.39
CA CYS D 96 19.36 25.06 2.20
C CYS D 96 19.94 24.40 3.45
N ALA D 97 19.51 23.18 3.73
CA ALA D 97 19.98 22.40 4.90
C ALA D 97 19.93 20.90 4.64
N ARG D 98 21.00 20.18 4.92
CA ARG D 98 21.01 18.73 4.73
C ARG D 98 20.56 18.00 5.99
N GLU D 99 19.91 16.83 5.85
CA GLU D 99 19.67 15.92 6.96
C GLU D 99 21.03 15.55 7.57
N GLY D 100 21.15 15.18 8.84
CA GLY D 100 20.12 14.99 9.82
C GLY D 100 20.90 14.40 10.96
N ILE D 101 20.28 13.93 12.01
CA ILE D 101 21.05 13.34 13.18
C ILE D 101 20.82 11.81 13.21
N TYR D 102 21.83 10.99 13.44
CA TYR D 102 21.71 9.54 13.16
C TYR D 102 21.76 8.64 14.38
N ASP D 103 20.59 8.50 15.00
CA ASP D 103 20.46 7.74 16.21
C ASP D 103 19.21 6.83 16.23
N GLY D 104 18.63 6.57 15.07
CA GLY D 104 17.45 5.70 14.99
C GLY D 104 16.13 6.42 15.03
N TYR D 105 16.15 7.73 15.24
CA TYR D 105 14.96 8.55 15.21
C TYR D 105 14.98 9.38 13.94
N PHE D 106 13.82 9.94 13.62
CA PHE D 106 13.65 10.65 12.36
C PHE D 106 14.65 11.80 12.32
N PRO D 107 15.48 11.85 11.28
CA PRO D 107 16.49 12.89 11.21
C PRO D 107 15.89 14.26 11.12
N LEU D 108 16.70 15.25 11.38
CA LEU D 108 16.31 16.63 11.21
C LEU D 108 17.31 17.22 10.24
N PHE D 109 17.66 18.50 10.37
CA PHE D 109 18.69 19.06 9.51
C PHE D 109 19.56 20.12 10.21
N PRO D 110 20.76 19.71 10.67
CA PRO D 110 21.72 20.58 11.36
C PRO D 110 22.77 21.26 10.50
N TYR D 111 22.83 20.91 9.20
CA TYR D 111 23.84 21.45 8.31
C TYR D 111 23.21 22.48 7.40
N TRP D 112 23.46 23.78 7.65
CA TRP D 112 22.86 24.85 6.86
C TRP D 112 23.86 25.51 5.98
N GLY D 113 23.41 25.95 4.82
CA GLY D 113 24.19 26.89 4.04
C GLY D 113 24.03 28.24 4.70
N GLN D 114 24.80 29.22 4.24
CA GLN D 114 24.78 30.55 4.84
C GLN D 114 23.65 31.42 4.35
N GLY D 115 22.88 30.90 3.39
CA GLY D 115 21.66 31.55 2.93
C GLY D 115 21.89 32.48 1.76
N THR D 116 20.85 32.63 0.95
CA THR D 116 20.86 33.57 -0.13
C THR D 116 19.72 34.57 0.03
N LEU D 117 20.06 35.86 -0.07
CA LEU D 117 19.13 36.99 0.10
C LEU D 117 18.52 37.45 -1.21
N VAL D 118 17.19 37.34 -1.29
CA VAL D 118 16.40 37.76 -2.42
C VAL D 118 15.66 39.04 -2.05
N THR D 119 15.91 40.12 -2.79
CA THR D 119 15.13 41.34 -2.63
C THR D 119 14.31 41.60 -3.90
N VAL D 120 13.04 41.95 -3.71
CA VAL D 120 12.12 42.19 -4.83
C VAL D 120 11.56 43.59 -4.74
N SER D 121 11.65 44.33 -5.83
CA SER D 121 11.25 45.73 -5.86
C SER D 121 9.76 45.94 -5.61
N ILE D 141 -3.00 23.25 7.11
CA ILE D 141 -3.37 21.90 7.55
C ILE D 141 -2.18 21.23 8.29
N GLU D 142 -1.56 22.01 9.19
CA GLU D 142 -0.23 21.75 9.77
C GLU D 142 -0.23 21.85 11.29
N ASN D 143 0.89 21.51 11.93
CA ASN D 143 1.00 21.64 13.38
C ASN D 143 1.61 23.00 13.71
N VAL D 144 0.75 23.95 14.07
CA VAL D 144 1.23 25.30 14.36
C VAL D 144 1.91 25.37 15.72
N LEU D 145 3.03 26.10 15.74
CA LEU D 145 3.87 26.25 16.90
C LEU D 145 3.83 27.70 17.38
N THR D 146 3.19 27.91 18.52
CA THR D 146 3.13 29.25 19.09
C THR D 146 4.19 29.38 20.18
N GLN D 147 5.07 30.36 19.97
CA GLN D 147 6.21 30.60 20.85
C GLN D 147 5.97 31.88 21.65
N SER D 148 6.23 31.83 22.95
CA SER D 148 6.15 33.05 23.76
C SER D 148 7.24 33.06 24.85
N PRO D 149 7.71 34.24 25.25
CA PRO D 149 7.31 35.53 24.65
C PRO D 149 8.15 35.86 23.42
N ALA D 150 7.62 36.73 22.55
CA ALA D 150 8.26 37.07 21.27
C ALA D 150 9.58 37.82 21.47
N ILE D 151 9.57 38.77 22.41
CA ILE D 151 10.76 39.52 22.82
C ILE D 151 10.84 39.48 24.35
N MET D 152 12.00 39.12 24.90
CA MET D 152 12.23 39.26 26.35
C MET D 152 13.68 39.69 26.60
N ALA D 153 13.93 40.27 27.78
CA ALA D 153 15.26 40.72 28.18
C ALA D 153 15.60 40.23 29.57
N ALA D 154 16.88 39.97 29.83
CA ALA D 154 17.31 39.54 31.15
C ALA D 154 18.72 40.01 31.43
N SER D 155 19.12 39.85 32.69
CA SER D 155 20.44 40.20 33.15
C SER D 155 21.20 38.92 33.49
N PRO D 156 22.54 38.99 33.45
CA PRO D 156 23.33 37.78 33.65
C PRO D 156 23.19 37.24 35.08
N GLY D 157 23.25 35.91 35.20
CA GLY D 157 23.05 35.23 36.47
C GLY D 157 21.61 34.77 36.65
N GLU D 158 20.68 35.56 36.09
CA GLU D 158 19.25 35.26 36.16
C GLU D 158 18.90 34.00 35.40
N LYS D 159 17.86 33.32 35.88
CA LYS D 159 17.30 32.21 35.13
C LYS D 159 16.49 32.78 33.97
N VAL D 160 16.56 32.09 32.84
CA VAL D 160 15.74 32.40 31.67
C VAL D 160 15.08 31.10 31.22
N THR D 161 13.77 31.13 31.04
CA THR D 161 13.06 30.01 30.44
C THR D 161 12.10 30.55 29.37
N MET D 162 11.90 29.80 28.28
CA MET D 162 10.96 30.19 27.20
C MET D 162 10.15 28.97 26.73
N THR D 163 9.05 29.23 26.04
CA THR D 163 7.99 28.23 25.89
C THR D 163 7.47 28.12 24.47
N CYS D 164 7.15 26.90 24.08
CA CYS D 164 6.58 26.61 22.76
C CYS D 164 5.42 25.62 22.91
N SER D 165 4.30 25.95 22.27
CA SER D 165 3.06 25.18 22.36
C SER D 165 2.59 24.85 20.95
N ALA D 166 2.02 23.67 20.75
CA ALA D 166 1.68 23.19 19.43
C ALA D 166 0.22 22.85 19.35
N SER D 167 -0.43 23.23 18.25
CA SER D 167 -1.87 22.94 18.08
C SER D 167 -2.14 21.44 18.17
N SER D 168 -1.11 20.65 17.97
CA SER D 168 -1.26 19.21 18.03
C SER D 168 0.00 18.56 18.57
N SER D 169 -0.18 17.36 19.09
CA SER D 169 0.88 16.60 19.74
C SER D 169 2.13 16.37 18.87
N VAL D 170 3.30 16.38 19.52
CA VAL D 170 4.61 16.15 18.88
C VAL D 170 5.45 15.18 19.70
N SER D 171 6.06 14.22 19.02
CA SER D 171 6.94 13.30 19.69
C SER D 171 8.12 14.06 20.29
N SER D 172 8.60 13.59 21.44
CA SER D 172 9.77 14.16 22.06
C SER D 172 11.00 13.93 21.20
N GLY D 173 10.95 12.95 20.32
CA GLY D 173 12.03 12.77 19.35
C GLY D 173 12.05 13.82 18.25
N ASN D 174 10.92 14.49 18.00
CA ASN D 174 10.84 15.41 16.87
C ASN D 174 10.61 16.86 17.30
N PHE D 175 11.16 17.22 18.47
CA PHE D 175 11.09 18.58 18.97
C PHE D 175 12.49 19.16 19.24
N HIS D 176 12.79 20.25 18.54
CA HIS D 176 14.14 20.80 18.51
C HIS D 176 14.14 22.32 18.71
N TRP D 177 15.31 22.86 19.06
CA TRP D 177 15.49 24.28 19.23
C TRP D 177 16.72 24.76 18.45
N TYR D 178 16.64 25.98 17.88
CA TYR D 178 17.77 26.62 17.22
C TYR D 178 18.05 28.00 17.80
N GLN D 179 19.31 28.43 17.67
CA GLN D 179 19.72 29.76 18.00
C GLN D 179 20.18 30.45 16.72
N GLN D 180 19.76 31.70 16.56
CA GLN D 180 20.22 32.52 15.48
C GLN D 180 20.60 33.89 15.98
N LYS D 181 21.80 34.33 15.59
CA LYS D 181 22.20 35.70 15.78
C LYS D 181 22.13 36.37 14.43
N PRO D 182 21.73 37.65 14.40
CA PRO D 182 21.68 38.40 13.13
C PRO D 182 22.91 38.22 12.22
N GLY D 183 22.65 38.00 10.94
CA GLY D 183 23.71 37.92 9.93
C GLY D 183 24.22 36.51 9.68
N THR D 184 23.81 35.56 10.52
CA THR D 184 24.26 34.16 10.43
C THR D 184 23.11 33.18 10.33
N SER D 185 23.39 32.01 9.76
CA SER D 185 22.38 31.00 9.57
C SER D 185 22.00 30.38 10.92
N PRO D 186 20.78 29.84 11.03
CA PRO D 186 20.41 29.21 12.28
C PRO D 186 21.31 28.05 12.64
N LYS D 187 21.35 27.75 13.92
CA LYS D 187 22.38 26.90 14.48
C LYS D 187 21.73 25.96 15.47
N LEU D 188 21.75 24.66 15.16
CA LEU D 188 21.10 23.68 16.00
C LEU D 188 21.60 23.82 17.41
N TRP D 189 20.67 23.83 18.37
CA TRP D 189 21.00 24.11 19.76
C TRP D 189 20.62 22.93 20.67
N ILE D 190 19.36 22.54 20.63
CA ILE D 190 18.90 21.36 21.36
C ILE D 190 18.15 20.45 20.40
N TYR D 191 18.32 19.15 20.54
CA TYR D 191 17.59 18.23 19.69
C TYR D 191 16.95 17.11 20.48
N ARG D 192 15.82 16.66 19.96
CA ARG D 192 14.96 15.68 20.60
C ARG D 192 14.72 16.03 22.04
N THR D 193 14.22 17.25 22.23
CA THR D 193 13.74 17.79 23.50
C THR D 193 14.85 18.27 24.44
N SER D 194 15.89 17.47 24.67
CA SER D 194 16.84 17.76 25.75
C SER D 194 18.33 17.46 25.49
N ASN D 195 18.73 17.14 24.27
CA ASN D 195 20.15 16.85 24.02
C ASN D 195 20.81 18.10 23.55
N LEU D 196 21.96 18.43 24.11
CA LEU D 196 22.67 19.62 23.73
C LEU D 196 23.47 19.34 22.45
N ALA D 197 23.33 20.22 21.47
CA ALA D 197 24.16 20.14 20.27
C ALA D 197 25.61 20.39 20.63
N SER D 198 26.49 20.15 19.66
CA SER D 198 27.92 20.09 19.88
C SER D 198 28.53 21.27 20.66
N GLY D 199 28.41 22.48 20.10
CA GLY D 199 29.08 23.64 20.70
C GLY D 199 28.37 24.25 21.91
N VAL D 200 27.41 23.55 22.50
CA VAL D 200 26.44 24.20 23.39
C VAL D 200 26.75 23.93 24.86
N PRO D 201 26.77 25.00 25.68
CA PRO D 201 27.20 24.89 27.10
C PRO D 201 26.15 24.35 28.05
N ALA D 202 26.61 23.74 29.15
CA ALA D 202 25.74 23.01 30.08
C ALA D 202 24.65 23.86 30.74
N ARG D 203 24.77 25.18 30.65
CA ARG D 203 23.81 26.11 31.24
C ARG D 203 22.44 25.89 30.63
N PHE D 204 22.45 25.61 29.33
CA PHE D 204 21.24 25.30 28.59
C PHE D 204 20.66 23.94 28.96
N SER D 205 19.33 23.87 28.92
CA SER D 205 18.59 22.64 29.12
C SER D 205 17.20 22.78 28.48
N GLY D 206 16.78 21.72 27.78
CA GLY D 206 15.42 21.64 27.26
C GLY D 206 14.61 20.56 27.96
N SER D 207 13.30 20.76 27.96
CA SER D 207 12.37 19.74 28.46
C SER D 207 11.03 19.89 27.76
N GLY D 208 10.09 19.01 28.11
CA GLY D 208 8.72 19.08 27.59
C GLY D 208 8.22 17.78 27.00
N SER D 209 6.93 17.78 26.67
CA SER D 209 6.30 16.59 26.10
C SER D 209 4.94 16.95 25.54
N GLY D 210 4.42 16.03 24.74
CA GLY D 210 3.14 16.17 24.09
C GLY D 210 3.05 17.44 23.27
N THR D 211 2.39 18.44 23.86
CA THR D 211 2.08 19.70 23.19
C THR D 211 2.75 20.93 23.83
N SER D 212 3.44 20.74 24.96
CA SER D 212 4.14 21.83 25.64
C SER D 212 5.63 21.53 25.92
N TYR D 213 6.48 22.45 25.47
CA TYR D 213 7.92 22.33 25.57
C TYR D 213 8.52 23.65 26.02
N SER D 214 9.74 23.59 26.53
CA SER D 214 10.44 24.78 27.01
C SER D 214 11.95 24.65 26.86
N LEU D 215 12.61 25.80 26.79
CA LEU D 215 14.06 25.87 26.80
C LEU D 215 14.47 26.70 28.02
N THR D 216 15.50 26.25 28.74
CA THR D 216 15.89 26.89 30.00
C THR D 216 17.39 27.14 30.09
N ILE D 217 17.75 28.32 30.62
CA ILE D 217 19.13 28.71 30.93
C ILE D 217 19.26 28.99 32.44
N SER D 218 19.98 28.14 33.16
CA SER D 218 20.15 28.27 34.61
C SER D 218 20.62 29.68 35.00
N SER D 219 21.68 30.16 34.35
CA SER D 219 22.20 31.49 34.59
C SER D 219 22.55 32.16 33.26
N MET D 220 21.77 33.18 32.90
CA MET D 220 21.99 33.99 31.70
C MET D 220 23.45 34.43 31.55
N GLU D 221 23.86 34.68 30.31
CA GLU D 221 25.21 35.14 30.00
C GLU D 221 25.17 36.09 28.81
N ALA D 222 26.22 36.88 28.64
CA ALA D 222 26.30 37.86 27.55
C ALA D 222 26.17 37.17 26.20
N GLU D 223 27.01 36.16 26.00
CA GLU D 223 26.98 35.23 24.86
C GLU D 223 25.58 34.84 24.35
N ASP D 224 24.68 34.53 25.29
CA ASP D 224 23.44 33.83 24.98
C ASP D 224 22.34 34.71 24.34
N ALA D 225 22.62 35.97 24.03
CA ALA D 225 21.58 36.87 23.49
C ALA D 225 21.38 36.67 22.00
N ALA D 226 20.15 36.35 21.61
CA ALA D 226 19.86 35.87 20.25
C ALA D 226 18.38 35.53 20.09
N THR D 227 17.98 35.21 18.86
CA THR D 227 16.62 34.80 18.58
C THR D 227 16.56 33.24 18.59
N TYR D 228 15.70 32.68 19.43
CA TYR D 228 15.59 31.24 19.56
C TYR D 228 14.29 30.74 18.93
N TYR D 229 14.38 29.67 18.15
CA TYR D 229 13.22 29.15 17.42
C TYR D 229 12.95 27.68 17.77
N CYS D 230 11.71 27.33 18.14
CA CYS D 230 11.35 25.92 18.31
C CYS D 230 11.00 25.34 16.93
N GLN D 231 11.11 24.02 16.82
CA GLN D 231 10.87 23.29 15.56
C GLN D 231 10.26 21.94 15.82
N GLN D 232 9.26 21.54 15.02
CA GLN D 232 8.65 20.22 15.15
C GLN D 232 8.47 19.53 13.81
N TRP D 233 8.34 18.21 13.85
CA TRP D 233 7.84 17.42 12.73
C TRP D 233 6.83 16.43 13.33
N SER D 234 5.73 16.20 12.64
CA SER D 234 4.77 15.17 13.06
C SER D 234 3.96 14.84 11.83
N GLY D 235 4.63 14.27 10.85
CA GLY D 235 4.20 14.33 9.46
C GLY D 235 4.66 15.68 8.92
N TYR D 236 4.77 15.79 7.61
CA TYR D 236 5.04 17.08 7.00
C TYR D 236 3.84 18.02 7.16
N PRO D 237 4.06 19.33 7.08
CA PRO D 237 5.40 19.96 6.96
C PRO D 237 6.11 20.18 8.28
N TRP D 238 7.44 20.31 8.25
CA TRP D 238 8.17 20.89 9.37
C TRP D 238 7.62 22.30 9.66
N THR D 239 7.44 22.66 10.92
CA THR D 239 7.09 24.04 11.28
C THR D 239 8.04 24.58 12.33
N PHE D 240 8.11 25.92 12.41
CA PHE D 240 8.86 26.64 13.42
C PHE D 240 7.96 27.57 14.19
N GLY D 241 8.42 27.95 15.38
CA GLY D 241 7.78 29.02 16.14
C GLY D 241 8.14 30.38 15.57
N GLY D 242 7.41 31.42 16.00
CA GLY D 242 7.65 32.79 15.55
C GLY D 242 8.92 33.40 16.11
N GLY D 243 9.50 32.76 17.12
CA GLY D 243 10.82 33.10 17.61
C GLY D 243 10.75 33.76 18.96
N THR D 244 11.82 33.62 19.75
CA THR D 244 11.98 34.37 20.99
C THR D 244 13.31 35.11 20.94
N LYS D 245 13.24 36.44 20.99
CA LYS D 245 14.39 37.34 20.93
C LYS D 245 14.85 37.71 22.36
N LEU D 246 16.06 37.29 22.71
CA LEU D 246 16.62 37.51 24.05
C LEU D 246 17.72 38.59 24.01
N GLU D 247 17.74 39.47 25.03
CA GLU D 247 18.60 40.69 25.04
C GLU D 247 19.03 41.17 26.45
#